data_7NKV
#
_entry.id   7NKV
#
_entity_poly.entity_id   1
_entity_poly.type   'polypeptide(L)'
_entity_poly.pdbx_seq_one_letter_code
;MQKKEIRRLRLKEWFKDKTLPPKEKSYLSQLMSGRASFGEKAARRIEQTYGMPEGYLDAEYAEQPGSSHHHHHH
;
_entity_poly.pdbx_strand_id   A
#
# COMPACT_ATOMS: atom_id res chain seq x y z
N MET A 1 -8.10 13.13 -6.13
CA MET A 1 -8.07 11.78 -5.54
C MET A 1 -6.71 11.53 -4.89
N GLN A 2 -6.74 11.01 -3.66
CA GLN A 2 -5.50 10.75 -2.91
C GLN A 2 -5.44 9.28 -2.45
N LYS A 3 -5.93 8.37 -3.31
CA LYS A 3 -5.93 6.94 -2.97
C LYS A 3 -4.51 6.42 -2.75
N LYS A 4 -3.57 6.91 -3.56
CA LYS A 4 -2.16 6.49 -3.44
C LYS A 4 -1.61 6.79 -2.04
N GLU A 5 -2.12 7.84 -1.41
CA GLU A 5 -1.69 8.23 -0.06
C GLU A 5 -2.02 7.12 0.95
N ILE A 6 -3.20 6.52 0.78
CA ILE A 6 -3.64 5.45 1.67
C ILE A 6 -2.82 4.18 1.41
N ARG A 7 -2.55 3.91 0.14
CA ARG A 7 -1.81 2.72 -0.25
C ARG A 7 -0.39 2.73 0.33
N ARG A 8 0.25 3.91 0.33
CA ARG A 8 1.63 4.01 0.82
C ARG A 8 1.72 3.92 2.34
N LEU A 9 0.81 4.61 3.02
CA LEU A 9 0.81 4.63 4.49
C LEU A 9 0.61 3.22 5.06
N ARG A 10 -0.31 2.46 4.47
CA ARG A 10 -0.56 1.08 4.92
C ARG A 10 0.61 0.16 4.56
N LEU A 11 1.18 0.38 3.38
CA LEU A 11 2.29 -0.45 2.88
C LEU A 11 3.51 -0.37 3.80
N LYS A 12 3.92 0.85 4.17
CA LYS A 12 5.10 1.03 5.04
C LYS A 12 4.86 0.46 6.45
N GLU A 13 3.60 0.51 6.90
CA GLU A 13 3.25 0.01 8.23
C GLU A 13 3.54 -1.49 8.34
N TRP A 14 3.15 -2.23 7.30
CA TRP A 14 3.36 -3.68 7.28
C TRP A 14 4.85 -4.00 7.27
N PHE A 15 5.59 -3.27 6.45
CA PHE A 15 7.04 -3.49 6.33
C PHE A 15 7.84 -2.81 7.44
N LYS A 16 7.15 -2.20 8.40
CA LYS A 16 7.83 -1.54 9.52
C LYS A 16 8.66 -2.57 10.28
N ASP A 17 8.03 -3.72 10.57
CA ASP A 17 8.71 -4.80 11.28
C ASP A 17 9.05 -5.99 10.36
N LYS A 18 8.68 -5.89 9.07
CA LYS A 18 8.94 -6.95 8.10
C LYS A 18 9.91 -6.47 7.02
N THR A 19 10.21 -7.37 6.07
CA THR A 19 11.12 -7.04 4.97
C THR A 19 10.51 -7.49 3.64
N LEU A 20 11.01 -6.92 2.54
CA LEU A 20 10.50 -7.25 1.21
C LEU A 20 11.63 -7.70 0.25
N PRO A 21 11.33 -8.60 -0.71
CA PRO A 21 12.35 -9.07 -1.70
C PRO A 21 12.90 -7.93 -2.58
N PRO A 22 14.16 -7.98 -3.02
CA PRO A 22 14.75 -6.90 -3.88
C PRO A 22 13.96 -6.63 -5.17
N LYS A 23 13.38 -7.70 -5.75
CA LYS A 23 12.63 -7.57 -7.01
C LYS A 23 11.45 -6.62 -6.85
N GLU A 24 10.85 -6.60 -5.65
CA GLU A 24 9.72 -5.69 -5.38
C GLU A 24 10.16 -4.46 -4.60
N LYS A 25 11.23 -4.59 -3.81
CA LYS A 25 11.74 -3.48 -3.01
C LYS A 25 11.90 -2.22 -3.85
N SER A 26 12.36 -2.38 -5.09
CA SER A 26 12.53 -1.25 -5.98
C SER A 26 11.18 -0.56 -6.23
N TYR A 27 10.13 -1.36 -6.35
CA TYR A 27 8.77 -0.87 -6.60
C TYR A 27 8.06 -0.44 -5.29
N LEU A 28 8.23 -1.23 -4.24
CA LEU A 28 7.61 -0.98 -2.95
C LEU A 28 8.10 0.35 -2.39
N SER A 29 9.38 0.60 -2.57
CA SER A 29 9.99 1.84 -2.10
C SER A 29 9.31 3.03 -2.76
N GLN A 30 8.92 2.87 -4.03
CA GLN A 30 8.25 3.94 -4.76
C GLN A 30 6.92 4.29 -4.10
N LEU A 31 6.18 3.25 -3.71
CA LEU A 31 4.88 3.45 -3.07
C LEU A 31 5.05 4.19 -1.75
N MET A 32 6.00 3.75 -0.95
CA MET A 32 6.29 4.38 0.34
C MET A 32 6.77 5.81 0.10
N SER A 33 7.56 5.98 -0.96
CA SER A 33 8.11 7.28 -1.33
C SER A 33 6.99 8.28 -1.64
N GLY A 34 5.87 7.78 -2.16
CA GLY A 34 4.72 8.61 -2.49
C GLY A 34 4.55 8.74 -4.01
N ARG A 35 5.61 8.43 -4.76
CA ARG A 35 5.56 8.50 -6.23
C ARG A 35 5.39 7.09 -6.81
N ALA A 36 4.20 6.82 -7.37
CA ALA A 36 3.91 5.51 -7.94
C ALA A 36 2.60 5.54 -8.71
N SER A 37 2.32 4.47 -9.46
CA SER A 37 1.09 4.38 -10.25
C SER A 37 0.09 3.43 -9.59
N PHE A 38 -1.17 3.85 -9.59
CA PHE A 38 -2.26 3.05 -9.01
C PHE A 38 -3.56 3.33 -9.75
N GLY A 39 -4.42 2.32 -9.80
CA GLY A 39 -5.71 2.40 -10.47
C GLY A 39 -6.19 1.03 -10.95
N GLU A 40 -5.23 0.11 -11.13
CA GLU A 40 -5.54 -1.25 -11.57
C GLU A 40 -5.51 -2.21 -10.38
N LYS A 41 -5.66 -3.51 -10.67
CA LYS A 41 -5.66 -4.56 -9.65
C LYS A 41 -4.40 -4.51 -8.76
N ALA A 42 -3.38 -3.78 -9.21
CA ALA A 42 -2.10 -3.68 -8.48
C ALA A 42 -2.27 -3.61 -6.95
N ALA A 43 -3.31 -2.92 -6.49
CA ALA A 43 -3.55 -2.79 -5.04
C ALA A 43 -3.76 -4.17 -4.41
N ARG A 44 -4.52 -5.01 -5.12
CA ARG A 44 -4.82 -6.37 -4.65
C ARG A 44 -3.76 -7.37 -5.08
N ARG A 45 -3.03 -7.07 -6.16
CA ARG A 45 -2.00 -7.99 -6.65
C ARG A 45 -0.91 -8.20 -5.58
N ILE A 46 -0.60 -7.13 -4.87
CA ILE A 46 0.43 -7.17 -3.82
C ILE A 46 0.02 -8.14 -2.72
N GLU A 47 -1.25 -8.04 -2.32
CA GLU A 47 -1.78 -8.88 -1.25
C GLU A 47 -1.79 -10.37 -1.63
N GLN A 48 -1.72 -10.67 -2.93
CA GLN A 48 -1.74 -12.07 -3.39
C GLN A 48 -0.53 -12.85 -2.89
N THR A 49 0.64 -12.22 -2.90
CA THR A 49 1.87 -12.89 -2.47
C THR A 49 2.05 -12.78 -0.95
N TYR A 50 1.76 -11.61 -0.39
CA TYR A 50 1.89 -11.39 1.05
C TYR A 50 0.82 -12.17 1.83
N GLY A 51 -0.34 -12.37 1.21
CA GLY A 51 -1.45 -13.08 1.87
C GLY A 51 -2.37 -12.13 2.62
N MET A 52 -2.20 -10.82 2.41
CA MET A 52 -3.00 -9.81 3.06
C MET A 52 -4.44 -9.83 2.52
N PRO A 53 -5.41 -9.30 3.26
CA PRO A 53 -6.85 -9.29 2.81
C PRO A 53 -7.06 -8.43 1.59
N GLU A 54 -8.04 -8.81 0.77
CA GLU A 54 -8.36 -8.08 -0.45
C GLU A 54 -8.73 -6.63 -0.14
N GLY A 55 -8.08 -5.69 -0.84
CA GLY A 55 -8.35 -4.27 -0.66
C GLY A 55 -7.87 -3.75 0.70
N TYR A 56 -6.82 -4.37 1.25
CA TYR A 56 -6.28 -3.93 2.54
C TYR A 56 -5.79 -2.50 2.40
N LEU A 57 -5.04 -2.27 1.33
CA LEU A 57 -4.48 -0.96 1.01
C LEU A 57 -5.59 0.06 0.78
N ASP A 58 -6.71 -0.40 0.20
CA ASP A 58 -7.85 0.46 -0.10
C ASP A 58 -8.40 1.14 1.14
N ALA A 59 -8.44 0.43 2.27
CA ALA A 59 -8.96 1.00 3.53
C ALA A 59 -8.40 2.40 3.75
N GLU A 60 -9.22 3.41 3.46
CA GLU A 60 -8.81 4.82 3.57
C GLU A 60 -9.07 5.42 4.93
N TYR A 61 -8.30 6.46 5.23
CA TYR A 61 -8.37 7.19 6.51
C TYR A 61 -8.43 8.69 6.24
N ALA A 62 -7.36 9.22 5.64
CA ALA A 62 -7.27 10.65 5.34
C ALA A 62 -8.34 11.09 4.34
N GLU A 63 -8.60 10.25 3.34
CA GLU A 63 -9.59 10.56 2.29
C GLU A 63 -10.98 10.80 2.86
N GLN A 64 -11.24 10.20 4.00
CA GLN A 64 -12.54 10.32 4.65
C GLN A 64 -12.88 11.78 4.97
N PRO A 65 -14.16 12.16 5.00
CA PRO A 65 -14.56 13.55 5.33
C PRO A 65 -14.34 13.82 6.81
N GLY A 66 -13.72 14.96 7.08
CA GLY A 66 -13.41 15.38 8.45
C GLY A 66 -11.95 15.11 8.83
N SER A 67 -11.22 14.36 7.97
CA SER A 67 -9.82 14.06 8.22
C SER A 67 -8.95 14.60 7.09
N SER A 68 -7.90 15.34 7.46
CA SER A 68 -6.98 15.92 6.48
C SER A 68 -5.60 15.29 6.61
N MET A 1 -11.14 10.68 -4.11
CA MET A 1 -10.43 9.56 -4.78
C MET A 1 -8.92 9.64 -4.48
N GLN A 2 -8.61 9.76 -3.18
CA GLN A 2 -7.22 9.85 -2.74
C GLN A 2 -6.75 8.50 -2.18
N LYS A 3 -7.21 7.42 -2.81
CA LYS A 3 -6.87 6.06 -2.39
C LYS A 3 -5.37 5.79 -2.48
N LYS A 4 -4.69 6.49 -3.40
CA LYS A 4 -3.26 6.31 -3.61
C LYS A 4 -2.47 6.63 -2.34
N GLU A 5 -2.89 7.68 -1.64
CA GLU A 5 -2.21 8.11 -0.41
C GLU A 5 -2.28 7.01 0.66
N ILE A 6 -3.45 6.39 0.78
CA ILE A 6 -3.65 5.33 1.78
C ILE A 6 -2.77 4.12 1.50
N ARG A 7 -2.64 3.75 0.23
CA ARG A 7 -1.84 2.59 -0.13
C ARG A 7 -0.40 2.79 0.33
N ARG A 8 0.10 4.02 0.18
CA ARG A 8 1.46 4.34 0.58
C ARG A 8 1.63 4.23 2.10
N LEU A 9 0.61 4.71 2.82
CA LEU A 9 0.63 4.69 4.28
C LEU A 9 0.55 3.27 4.82
N ARG A 10 -0.31 2.46 4.19
CA ARG A 10 -0.48 1.08 4.58
C ARG A 10 0.77 0.26 4.30
N LEU A 11 1.42 0.55 3.17
CA LEU A 11 2.60 -0.18 2.76
C LEU A 11 3.77 0.02 3.74
N LYS A 12 4.04 1.28 4.11
CA LYS A 12 5.15 1.56 5.04
C LYS A 12 4.85 1.01 6.43
N GLU A 13 3.59 1.14 6.88
CA GLU A 13 3.19 0.61 8.18
C GLU A 13 3.26 -0.92 8.17
N TRP A 14 2.84 -1.48 7.04
CA TRP A 14 2.82 -2.93 6.83
C TRP A 14 4.23 -3.51 6.92
N PHE A 15 5.19 -2.83 6.30
CA PHE A 15 6.57 -3.28 6.29
C PHE A 15 7.43 -2.65 7.38
N LYS A 16 6.78 -1.94 8.33
CA LYS A 16 7.52 -1.31 9.43
C LYS A 16 8.27 -2.38 10.20
N ASP A 17 7.58 -3.47 10.51
CA ASP A 17 8.18 -4.59 11.25
C ASP A 17 8.44 -5.81 10.33
N LYS A 18 8.25 -5.63 9.01
CA LYS A 18 8.45 -6.72 8.06
C LYS A 18 9.34 -6.27 6.90
N THR A 19 9.96 -7.24 6.24
CA THR A 19 10.85 -6.95 5.11
C THR A 19 10.19 -7.39 3.79
N LEU A 20 10.69 -6.84 2.68
CA LEU A 20 10.14 -7.14 1.35
C LEU A 20 11.22 -7.71 0.41
N PRO A 21 10.86 -8.58 -0.55
CA PRO A 21 11.84 -9.16 -1.53
C PRO A 21 12.50 -8.07 -2.38
N PRO A 22 13.74 -8.26 -2.84
CA PRO A 22 14.43 -7.23 -3.67
C PRO A 22 13.80 -7.02 -5.06
N LYS A 23 13.07 -8.04 -5.55
CA LYS A 23 12.43 -7.94 -6.86
C LYS A 23 11.35 -6.85 -6.88
N GLU A 24 10.68 -6.65 -5.75
CA GLU A 24 9.63 -5.62 -5.64
C GLU A 24 10.09 -4.44 -4.80
N LYS A 25 11.10 -4.64 -3.97
CA LYS A 25 11.63 -3.59 -3.08
C LYS A 25 11.86 -2.29 -3.86
N SER A 26 12.47 -2.38 -5.04
CA SER A 26 12.74 -1.20 -5.85
C SER A 26 11.43 -0.48 -6.22
N TYR A 27 10.33 -1.25 -6.27
CA TYR A 27 9.01 -0.71 -6.61
C TYR A 27 8.23 -0.29 -5.35
N LEU A 28 8.31 -1.12 -4.30
CA LEU A 28 7.60 -0.85 -3.05
C LEU A 28 8.10 0.44 -2.42
N SER A 29 9.41 0.64 -2.49
CA SER A 29 10.03 1.83 -1.94
C SER A 29 9.42 3.08 -2.59
N GLN A 30 9.12 2.99 -3.88
CA GLN A 30 8.54 4.10 -4.62
C GLN A 30 7.22 4.52 -4.00
N LEU A 31 6.42 3.52 -3.62
CA LEU A 31 5.11 3.78 -3.03
C LEU A 31 5.25 4.57 -1.74
N MET A 32 6.21 4.16 -0.89
CA MET A 32 6.45 4.85 0.37
C MET A 32 6.97 6.27 0.09
N SER A 33 7.77 6.37 -0.98
CA SER A 33 8.38 7.64 -1.39
C SER A 33 7.35 8.70 -1.80
N GLY A 34 6.17 8.26 -2.26
CA GLY A 34 5.14 9.20 -2.70
C GLY A 34 5.00 9.21 -4.22
N ARG A 35 6.04 8.78 -4.93
CA ARG A 35 6.02 8.74 -6.39
C ARG A 35 5.79 7.31 -6.90
N ALA A 36 4.59 7.06 -7.45
CA ALA A 36 4.26 5.74 -7.97
C ALA A 36 2.94 5.79 -8.73
N SER A 37 2.62 4.69 -9.44
CA SER A 37 1.39 4.61 -10.22
C SER A 37 0.44 3.55 -9.65
N PHE A 38 -0.85 3.92 -9.58
CA PHE A 38 -1.88 3.03 -9.07
C PHE A 38 -3.22 3.36 -9.74
N GLY A 39 -4.09 2.36 -9.80
CA GLY A 39 -5.41 2.50 -10.41
C GLY A 39 -5.97 1.13 -10.84
N GLU A 40 -5.08 0.16 -11.01
CA GLU A 40 -5.47 -1.18 -11.42
C GLU A 40 -5.50 -2.13 -10.21
N LYS A 41 -5.76 -3.41 -10.50
CA LYS A 41 -5.82 -4.45 -9.46
C LYS A 41 -4.54 -4.49 -8.60
N ALA A 42 -3.47 -3.86 -9.07
CA ALA A 42 -2.17 -3.87 -8.37
C ALA A 42 -2.30 -3.78 -6.84
N ALA A 43 -3.29 -3.04 -6.33
CA ALA A 43 -3.47 -2.92 -4.88
C ALA A 43 -3.72 -4.29 -4.25
N ARG A 44 -4.54 -5.09 -4.94
CA ARG A 44 -4.88 -6.43 -4.46
C ARG A 44 -3.85 -7.47 -4.90
N ARG A 45 -3.15 -7.22 -6.03
CA ARG A 45 -2.16 -8.17 -6.53
C ARG A 45 -1.06 -8.40 -5.49
N ILE A 46 -0.71 -7.34 -4.77
CA ILE A 46 0.32 -7.43 -3.73
C ILE A 46 -0.16 -8.42 -2.66
N GLU A 47 -1.43 -8.28 -2.29
CA GLU A 47 -2.05 -9.13 -1.29
C GLU A 47 -2.13 -10.59 -1.76
N GLN A 48 -2.16 -10.81 -3.08
CA GLN A 48 -2.25 -12.18 -3.61
C GLN A 48 -1.04 -13.02 -3.24
N THR A 49 0.16 -12.43 -3.30
CA THR A 49 1.39 -13.15 -3.00
C THR A 49 1.72 -13.13 -1.51
N TYR A 50 1.59 -11.97 -0.87
CA TYR A 50 1.88 -11.84 0.57
C TYR A 50 0.86 -12.58 1.42
N GLY A 51 -0.38 -12.67 0.92
CA GLY A 51 -1.45 -13.37 1.66
C GLY A 51 -2.30 -12.40 2.49
N MET A 52 -2.09 -11.09 2.33
CA MET A 52 -2.85 -10.09 3.05
C MET A 52 -4.30 -10.06 2.56
N PRO A 53 -5.24 -9.52 3.34
CA PRO A 53 -6.68 -9.47 2.95
C PRO A 53 -6.94 -8.54 1.77
N GLU A 54 -7.96 -8.90 0.98
CA GLU A 54 -8.34 -8.14 -0.21
C GLU A 54 -8.64 -6.68 0.15
N GLY A 55 -8.02 -5.75 -0.58
CA GLY A 55 -8.23 -4.32 -0.36
C GLY A 55 -7.59 -3.81 0.93
N TYR A 56 -6.56 -4.52 1.42
CA TYR A 56 -5.87 -4.11 2.64
C TYR A 56 -5.26 -2.72 2.46
N LEU A 57 -4.54 -2.52 1.34
CA LEU A 57 -3.92 -1.23 1.05
C LEU A 57 -4.98 -0.15 0.89
N ASP A 58 -6.08 -0.51 0.23
CA ASP A 58 -7.18 0.41 -0.01
C ASP A 58 -7.77 0.91 1.30
N ALA A 59 -7.90 0.00 2.28
CA ALA A 59 -8.47 0.34 3.58
C ALA A 59 -7.81 1.59 4.16
N GLU A 60 -8.63 2.63 4.33
CA GLU A 60 -8.16 3.91 4.89
C GLU A 60 -8.36 3.94 6.40
N TYR A 61 -7.54 4.75 7.07
CA TYR A 61 -7.62 4.88 8.53
C TYR A 61 -7.79 6.34 8.93
N ALA A 62 -6.98 7.22 8.36
CA ALA A 62 -7.04 8.66 8.65
C ALA A 62 -8.36 9.25 8.17
N GLU A 63 -8.81 8.79 7.00
CA GLU A 63 -10.04 9.31 6.39
C GLU A 63 -11.30 8.60 6.90
N GLN A 64 -11.16 7.80 7.97
CA GLN A 64 -12.30 7.07 8.53
C GLN A 64 -13.42 8.03 8.93
N PRO A 65 -14.69 7.61 8.88
CA PRO A 65 -15.82 8.48 9.27
C PRO A 65 -15.85 8.69 10.78
N GLY A 66 -15.96 9.94 11.17
CA GLY A 66 -15.98 10.32 12.58
C GLY A 66 -14.59 10.68 13.12
N SER A 67 -13.54 10.44 12.31
CA SER A 67 -12.18 10.76 12.72
C SER A 67 -11.55 11.75 11.75
N SER A 68 -10.96 12.82 12.31
CA SER A 68 -10.32 13.85 11.49
C SER A 68 -8.83 13.95 11.82
N MET A 1 -5.54 14.28 -1.24
CA MET A 1 -5.51 12.86 -0.78
C MET A 1 -5.83 11.94 -1.96
N GLN A 2 -4.77 11.41 -2.58
CA GLN A 2 -4.93 10.50 -3.72
C GLN A 2 -5.02 9.05 -3.24
N LYS A 3 -5.48 8.17 -4.12
CA LYS A 3 -5.63 6.75 -3.78
C LYS A 3 -4.28 6.14 -3.41
N LYS A 4 -3.24 6.52 -4.16
CA LYS A 4 -1.90 6.02 -3.89
C LYS A 4 -1.40 6.46 -2.51
N GLU A 5 -1.93 7.59 -2.01
CA GLU A 5 -1.54 8.11 -0.71
C GLU A 5 -1.91 7.13 0.40
N ILE A 6 -3.11 6.56 0.29
CA ILE A 6 -3.59 5.59 1.28
C ILE A 6 -2.70 4.34 1.22
N ARG A 7 -2.36 3.93 -0.01
CA ARG A 7 -1.53 2.76 -0.20
C ARG A 7 -0.18 2.95 0.48
N ARG A 8 0.36 4.17 0.41
CA ARG A 8 1.64 4.48 1.03
C ARG A 8 1.60 4.25 2.54
N LEU A 9 0.57 4.80 3.20
CA LEU A 9 0.45 4.68 4.65
C LEU A 9 0.24 3.23 5.09
N ARG A 10 -0.61 2.51 4.37
CA ARG A 10 -0.88 1.12 4.69
C ARG A 10 0.33 0.23 4.38
N LEU A 11 0.99 0.52 3.27
CA LEU A 11 2.15 -0.26 2.82
C LEU A 11 3.33 -0.20 3.81
N LYS A 12 3.69 1.02 4.23
CA LYS A 12 4.83 1.18 5.14
C LYS A 12 4.59 0.49 6.48
N GLU A 13 3.34 0.43 6.92
CA GLU A 13 3.00 -0.22 8.19
C GLU A 13 3.32 -1.71 8.13
N TRP A 14 3.02 -2.32 6.99
CA TRP A 14 3.26 -3.75 6.78
C TRP A 14 4.75 -4.06 6.86
N PHE A 15 5.57 -3.22 6.22
CA PHE A 15 7.01 -3.42 6.21
C PHE A 15 7.74 -2.55 7.23
N LYS A 16 7.00 -1.91 8.14
CA LYS A 16 7.62 -1.04 9.15
C LYS A 16 8.56 -1.88 10.01
N ASP A 17 8.09 -3.05 10.43
CA ASP A 17 8.90 -3.97 11.24
C ASP A 17 9.26 -5.25 10.47
N LYS A 18 9.10 -5.22 9.14
CA LYS A 18 9.40 -6.38 8.29
C LYS A 18 10.22 -5.94 7.08
N THR A 19 10.63 -6.92 6.27
CA THR A 19 11.44 -6.64 5.08
C THR A 19 10.69 -7.05 3.81
N LEU A 20 11.10 -6.48 2.68
CA LEU A 20 10.48 -6.77 1.38
C LEU A 20 11.47 -7.42 0.40
N PRO A 21 11.02 -8.32 -0.49
CA PRO A 21 11.92 -8.99 -1.49
C PRO A 21 12.58 -7.96 -2.43
N PRO A 22 13.83 -8.14 -2.84
CA PRO A 22 14.53 -7.19 -3.77
C PRO A 22 13.80 -7.01 -5.10
N LYS A 23 13.04 -8.03 -5.50
CA LYS A 23 12.30 -8.01 -6.75
C LYS A 23 11.30 -6.86 -6.80
N GLU A 24 10.47 -6.75 -5.77
CA GLU A 24 9.48 -5.69 -5.70
C GLU A 24 9.98 -4.50 -4.88
N LYS A 25 11.10 -4.69 -4.19
CA LYS A 25 11.68 -3.64 -3.35
C LYS A 25 11.87 -2.35 -4.15
N SER A 26 12.28 -2.47 -5.40
CA SER A 26 12.48 -1.29 -6.25
C SER A 26 11.18 -0.50 -6.38
N TYR A 27 10.06 -1.21 -6.49
CA TYR A 27 8.74 -0.60 -6.64
C TYR A 27 8.07 -0.28 -5.29
N LEU A 28 8.25 -1.17 -4.30
CA LEU A 28 7.65 -1.00 -2.98
C LEU A 28 8.16 0.27 -2.32
N SER A 29 9.46 0.51 -2.48
CA SER A 29 10.09 1.69 -1.92
C SER A 29 9.44 2.95 -2.48
N GLN A 30 9.09 2.91 -3.77
CA GLN A 30 8.46 4.07 -4.43
C GLN A 30 7.10 4.33 -3.83
N LEU A 31 6.35 3.26 -3.57
CA LEU A 31 5.00 3.39 -3.00
C LEU A 31 5.04 4.06 -1.65
N MET A 32 5.97 3.64 -0.79
CA MET A 32 6.12 4.23 0.54
C MET A 32 6.60 5.68 0.41
N SER A 33 7.46 5.93 -0.60
CA SER A 33 8.00 7.26 -0.85
C SER A 33 6.88 8.25 -1.16
N GLY A 34 5.80 7.76 -1.79
CA GLY A 34 4.66 8.60 -2.15
C GLY A 34 4.57 8.79 -3.67
N ARG A 35 5.66 8.53 -4.38
CA ARG A 35 5.66 8.66 -5.84
C ARG A 35 5.52 7.29 -6.50
N ALA A 36 4.34 7.05 -7.09
CA ALA A 36 4.06 5.77 -7.74
C ALA A 36 2.74 5.85 -8.52
N SER A 37 2.51 4.86 -9.37
CA SER A 37 1.28 4.81 -10.18
C SER A 37 0.35 3.70 -9.68
N PHE A 38 -0.93 4.04 -9.57
CA PHE A 38 -1.94 3.08 -9.12
C PHE A 38 -3.29 3.40 -9.77
N GLY A 39 -4.09 2.33 -9.95
CA GLY A 39 -5.41 2.45 -10.57
C GLY A 39 -5.95 1.07 -10.97
N GLU A 40 -5.04 0.10 -11.13
CA GLU A 40 -5.42 -1.25 -11.53
C GLU A 40 -5.44 -2.19 -10.31
N LYS A 41 -5.68 -3.47 -10.57
CA LYS A 41 -5.74 -4.51 -9.54
C LYS A 41 -4.47 -4.56 -8.68
N ALA A 42 -3.38 -3.92 -9.16
CA ALA A 42 -2.09 -3.91 -8.47
C ALA A 42 -2.21 -3.84 -6.94
N ALA A 43 -3.16 -3.07 -6.42
CA ALA A 43 -3.34 -2.93 -4.97
C ALA A 43 -3.66 -4.28 -4.33
N ARG A 44 -4.54 -5.04 -4.99
CA ARG A 44 -4.96 -6.36 -4.51
C ARG A 44 -4.01 -7.47 -4.99
N ARG A 45 -3.32 -7.22 -6.10
CA ARG A 45 -2.41 -8.21 -6.67
C ARG A 45 -1.29 -8.52 -5.67
N ILE A 46 -0.83 -7.49 -4.97
CA ILE A 46 0.23 -7.62 -3.97
C ILE A 46 -0.26 -8.50 -2.81
N GLU A 47 -1.51 -8.25 -2.41
CA GLU A 47 -2.14 -8.98 -1.32
C GLU A 47 -2.25 -10.48 -1.63
N GLN A 48 -2.48 -10.81 -2.90
CA GLN A 48 -2.62 -12.21 -3.32
C GLN A 48 -1.36 -13.02 -3.03
N THR A 49 -0.18 -12.43 -3.32
CA THR A 49 1.09 -13.14 -3.10
C THR A 49 1.54 -13.08 -1.65
N TYR A 50 1.41 -11.90 -1.03
CA TYR A 50 1.79 -11.73 0.38
C TYR A 50 0.84 -12.46 1.31
N GLY A 51 -0.43 -12.59 0.90
CA GLY A 51 -1.45 -13.24 1.71
C GLY A 51 -2.25 -12.23 2.55
N MET A 52 -2.03 -10.94 2.29
CA MET A 52 -2.73 -9.88 2.99
C MET A 52 -4.20 -9.85 2.56
N PRO A 53 -5.11 -9.31 3.38
CA PRO A 53 -6.56 -9.26 3.02
C PRO A 53 -6.85 -8.35 1.84
N GLU A 54 -7.87 -8.72 1.07
CA GLU A 54 -8.26 -7.95 -0.11
C GLU A 54 -8.56 -6.50 0.23
N GLY A 55 -7.95 -5.59 -0.52
CA GLY A 55 -8.16 -4.15 -0.32
C GLY A 55 -7.58 -3.64 0.99
N TYR A 56 -6.53 -4.32 1.50
CA TYR A 56 -5.89 -3.89 2.74
C TYR A 56 -5.33 -2.49 2.55
N LEU A 57 -4.59 -2.34 1.46
CA LEU A 57 -3.97 -1.07 1.09
C LEU A 57 -5.06 -0.04 0.78
N ASP A 58 -6.11 -0.51 0.11
CA ASP A 58 -7.23 0.33 -0.27
C ASP A 58 -7.92 0.92 0.96
N ALA A 59 -7.95 0.16 2.05
CA ALA A 59 -8.60 0.61 3.30
C ALA A 59 -8.26 2.07 3.61
N GLU A 60 -9.31 2.85 3.81
CA GLU A 60 -9.18 4.28 4.10
C GLU A 60 -9.08 4.52 5.59
N TYR A 61 -8.51 5.67 5.94
CA TYR A 61 -8.34 6.05 7.35
C TYR A 61 -9.05 7.37 7.64
N ALA A 62 -8.89 8.34 6.75
CA ALA A 62 -9.53 9.65 6.91
C ALA A 62 -10.98 9.62 6.42
N GLU A 63 -11.28 8.70 5.50
CA GLU A 63 -12.63 8.59 4.93
C GLU A 63 -13.45 7.47 5.58
N GLN A 64 -12.95 6.93 6.70
CA GLN A 64 -13.66 5.86 7.40
C GLN A 64 -15.03 6.32 7.90
N PRO A 65 -16.03 5.43 8.00
CA PRO A 65 -17.37 5.82 8.50
C PRO A 65 -17.34 6.12 9.99
N GLY A 66 -17.84 7.29 10.34
CA GLY A 66 -17.87 7.73 11.73
C GLY A 66 -16.64 8.56 12.11
N SER A 67 -15.64 8.61 11.20
CA SER A 67 -14.42 9.37 11.46
C SER A 67 -14.23 10.45 10.39
N SER A 68 -13.64 11.58 10.79
CA SER A 68 -13.40 12.68 9.87
C SER A 68 -11.91 12.94 9.73
N MET A 1 -7.61 14.58 -2.49
CA MET A 1 -7.04 13.35 -1.86
C MET A 1 -7.34 12.15 -2.75
N GLN A 2 -6.41 11.18 -2.77
CA GLN A 2 -6.57 9.98 -3.59
C GLN A 2 -6.27 8.73 -2.76
N LYS A 3 -6.77 7.58 -3.24
CA LYS A 3 -6.57 6.30 -2.55
C LYS A 3 -5.08 5.91 -2.52
N LYS A 4 -4.27 6.51 -3.41
CA LYS A 4 -2.84 6.22 -3.47
C LYS A 4 -2.15 6.54 -2.15
N GLU A 5 -2.54 7.66 -1.52
CA GLU A 5 -1.93 8.08 -0.25
C GLU A 5 -2.14 6.99 0.81
N ILE A 6 -3.35 6.43 0.82
CA ILE A 6 -3.69 5.37 1.78
C ILE A 6 -2.80 4.14 1.54
N ARG A 7 -2.54 3.83 0.27
CA ARG A 7 -1.71 2.68 -0.07
C ARG A 7 -0.31 2.83 0.53
N ARG A 8 0.21 4.05 0.49
CA ARG A 8 1.52 4.37 1.04
C ARG A 8 1.59 4.11 2.55
N LEU A 9 0.63 4.65 3.31
CA LEU A 9 0.63 4.48 4.77
C LEU A 9 0.46 3.02 5.15
N ARG A 10 -0.45 2.34 4.48
CA ARG A 10 -0.71 0.92 4.74
C ARG A 10 0.52 0.09 4.41
N LEU A 11 1.18 0.43 3.30
CA LEU A 11 2.35 -0.30 2.85
C LEU A 11 3.55 -0.13 3.79
N LYS A 12 3.91 1.12 4.10
CA LYS A 12 5.05 1.38 4.99
C LYS A 12 4.83 0.78 6.37
N GLU A 13 3.57 0.78 6.83
CA GLU A 13 3.25 0.20 8.13
C GLU A 13 3.52 -1.31 8.13
N TRP A 14 3.16 -1.96 7.02
CA TRP A 14 3.37 -3.40 6.87
C TRP A 14 4.86 -3.73 6.87
N PHE A 15 5.64 -2.94 6.14
CA PHE A 15 7.08 -3.17 6.03
C PHE A 15 7.88 -2.35 7.05
N LYS A 16 7.19 -1.72 8.01
CA LYS A 16 7.85 -0.92 9.04
C LYS A 16 8.81 -1.82 9.83
N ASP A 17 8.33 -3.01 10.18
CA ASP A 17 9.14 -3.98 10.94
C ASP A 17 9.29 -5.30 10.16
N LYS A 18 9.05 -5.25 8.85
CA LYS A 18 9.17 -6.43 7.99
C LYS A 18 10.00 -6.09 6.75
N THR A 19 10.55 -7.12 6.11
CA THR A 19 11.38 -6.92 4.92
C THR A 19 10.65 -7.37 3.66
N LEU A 20 11.07 -6.79 2.52
CA LEU A 20 10.47 -7.11 1.23
C LEU A 20 11.50 -7.72 0.26
N PRO A 21 11.09 -8.59 -0.68
CA PRO A 21 12.05 -9.21 -1.65
C PRO A 21 12.52 -8.23 -2.73
N PRO A 22 13.71 -8.42 -3.32
CA PRO A 22 14.24 -7.51 -4.39
C PRO A 22 13.30 -7.37 -5.59
N LYS A 23 12.43 -8.35 -5.78
CA LYS A 23 11.49 -8.37 -6.89
C LYS A 23 10.59 -7.14 -6.87
N GLU A 24 9.95 -6.90 -5.73
CA GLU A 24 9.04 -5.75 -5.60
C GLU A 24 9.69 -4.62 -4.81
N LYS A 25 10.83 -4.89 -4.18
CA LYS A 25 11.54 -3.88 -3.37
C LYS A 25 11.72 -2.58 -4.16
N SER A 26 12.05 -2.71 -5.44
CA SER A 26 12.25 -1.53 -6.28
C SER A 26 10.99 -0.68 -6.34
N TYR A 27 9.84 -1.33 -6.39
CA TYR A 27 8.54 -0.66 -6.48
C TYR A 27 7.92 -0.31 -5.11
N LEU A 28 8.09 -1.20 -4.12
CA LEU A 28 7.52 -0.99 -2.78
C LEU A 28 8.08 0.28 -2.16
N SER A 29 9.37 0.48 -2.35
CA SER A 29 10.04 1.68 -1.83
C SER A 29 9.39 2.92 -2.43
N GLN A 30 9.05 2.85 -3.71
CA GLN A 30 8.44 3.99 -4.41
C GLN A 30 7.10 4.35 -3.78
N LEU A 31 6.31 3.32 -3.46
CA LEU A 31 4.99 3.55 -2.86
C LEU A 31 5.13 4.22 -1.51
N MET A 32 6.10 3.74 -0.72
CA MET A 32 6.34 4.32 0.61
C MET A 32 6.84 5.76 0.43
N SER A 33 7.65 5.96 -0.62
CA SER A 33 8.20 7.28 -0.94
C SER A 33 7.08 8.27 -1.30
N GLY A 34 5.99 7.76 -1.87
CA GLY A 34 4.85 8.60 -2.26
C GLY A 34 4.79 8.81 -3.77
N ARG A 35 5.89 8.50 -4.49
CA ARG A 35 5.93 8.65 -5.94
C ARG A 35 5.72 7.29 -6.61
N ALA A 36 4.55 7.10 -7.20
CA ALA A 36 4.21 5.84 -7.87
C ALA A 36 2.90 5.95 -8.64
N SER A 37 2.61 4.95 -9.46
CA SER A 37 1.37 4.92 -10.24
C SER A 37 0.50 3.75 -9.79
N PHE A 38 -0.72 4.07 -9.35
CA PHE A 38 -1.67 3.06 -8.89
C PHE A 38 -3.05 3.30 -9.49
N GLY A 39 -3.95 2.34 -9.28
CA GLY A 39 -5.32 2.43 -9.80
C GLY A 39 -5.76 1.10 -10.44
N GLU A 40 -4.80 0.21 -10.68
CA GLU A 40 -5.08 -1.10 -11.27
C GLU A 40 -5.10 -2.18 -10.19
N LYS A 41 -5.36 -3.42 -10.60
CA LYS A 41 -5.41 -4.55 -9.68
C LYS A 41 -4.11 -4.66 -8.85
N ALA A 42 -3.04 -4.00 -9.32
CA ALA A 42 -1.74 -4.04 -8.63
C ALA A 42 -1.87 -3.90 -7.11
N ALA A 43 -2.88 -3.15 -6.66
CA ALA A 43 -3.08 -2.96 -5.22
C ALA A 43 -3.34 -4.31 -4.55
N ARG A 44 -4.17 -5.12 -5.19
CA ARG A 44 -4.50 -6.44 -4.66
C ARG A 44 -3.37 -7.43 -4.91
N ARG A 45 -2.73 -7.33 -6.08
CA ARG A 45 -1.64 -8.23 -6.45
C ARG A 45 -0.59 -8.32 -5.33
N ILE A 46 -0.35 -7.19 -4.66
CA ILE A 46 0.61 -7.14 -3.57
C ILE A 46 0.12 -8.05 -2.44
N GLU A 47 -1.17 -7.91 -2.13
CA GLU A 47 -1.79 -8.68 -1.05
C GLU A 47 -1.91 -10.17 -1.41
N GLN A 48 -2.00 -10.47 -2.72
CA GLN A 48 -2.13 -11.86 -3.17
C GLN A 48 -0.90 -12.68 -2.82
N THR A 49 0.29 -12.09 -2.98
CA THR A 49 1.54 -12.79 -2.68
C THR A 49 1.86 -12.79 -1.19
N TYR A 50 1.67 -11.64 -0.54
CA TYR A 50 1.94 -11.53 0.90
C TYR A 50 0.89 -12.29 1.73
N GLY A 51 -0.32 -12.44 1.18
CA GLY A 51 -1.40 -13.14 1.89
C GLY A 51 -2.33 -12.18 2.64
N MET A 52 -2.17 -10.87 2.40
CA MET A 52 -2.98 -9.86 3.04
C MET A 52 -4.41 -9.89 2.46
N PRO A 53 -5.41 -9.36 3.18
CA PRO A 53 -6.82 -9.36 2.70
C PRO A 53 -7.03 -8.50 1.45
N GLU A 54 -8.00 -8.90 0.63
CA GLU A 54 -8.30 -8.19 -0.61
C GLU A 54 -8.72 -6.75 -0.32
N GLY A 55 -8.07 -5.80 -1.01
CA GLY A 55 -8.39 -4.38 -0.85
C GLY A 55 -7.97 -3.85 0.52
N TYR A 56 -6.92 -4.44 1.10
CA TYR A 56 -6.43 -4.00 2.41
C TYR A 56 -5.97 -2.54 2.32
N LEU A 57 -5.20 -2.27 1.27
CA LEU A 57 -4.66 -0.95 1.01
C LEU A 57 -5.79 0.06 0.75
N ASP A 58 -6.83 -0.42 0.06
CA ASP A 58 -7.98 0.43 -0.29
C ASP A 58 -8.67 1.04 0.93
N ALA A 59 -8.76 0.27 2.03
CA ALA A 59 -9.42 0.76 3.25
C ALA A 59 -8.95 2.18 3.59
N GLU A 60 -9.92 3.08 3.79
CA GLU A 60 -9.63 4.49 4.09
C GLU A 60 -8.80 4.63 5.35
N TYR A 61 -8.25 5.84 5.50
CA TYR A 61 -7.44 6.17 6.64
C TYR A 61 -8.17 7.10 7.60
N ALA A 62 -7.89 6.89 8.88
CA ALA A 62 -8.48 7.68 9.95
C ALA A 62 -7.59 8.85 10.38
N GLU A 63 -6.31 8.80 10.01
CA GLU A 63 -5.36 9.86 10.38
C GLU A 63 -5.31 11.00 9.36
N GLN A 64 -6.02 10.84 8.25
CA GLN A 64 -6.05 11.86 7.19
C GLN A 64 -7.34 12.69 7.28
N PRO A 65 -7.33 13.91 6.76
CA PRO A 65 -8.53 14.77 6.75
C PRO A 65 -9.54 14.27 5.73
N GLY A 66 -10.81 14.40 6.08
CA GLY A 66 -11.91 13.98 5.22
C GLY A 66 -12.34 12.52 5.49
N SER A 67 -11.79 11.93 6.56
CA SER A 67 -12.13 10.55 6.92
C SER A 67 -13.60 10.44 7.26
N SER A 68 -14.23 9.35 6.80
CA SER A 68 -15.66 9.12 7.05
C SER A 68 -15.88 8.65 8.49
N MET A 1 -6.58 8.90 -7.36
CA MET A 1 -5.44 9.82 -7.13
C MET A 1 -5.13 9.88 -5.64
N GLN A 2 -6.16 10.19 -4.85
CA GLN A 2 -6.02 10.28 -3.39
C GLN A 2 -5.75 8.91 -2.77
N LYS A 3 -6.22 7.85 -3.45
CA LYS A 3 -6.05 6.48 -2.95
C LYS A 3 -4.58 6.09 -2.82
N LYS A 4 -3.72 6.71 -3.64
CA LYS A 4 -2.29 6.41 -3.63
C LYS A 4 -1.66 6.69 -2.26
N GLU A 5 -2.08 7.79 -1.64
CA GLU A 5 -1.55 8.19 -0.33
C GLU A 5 -1.85 7.14 0.73
N ILE A 6 -3.07 6.60 0.70
CA ILE A 6 -3.48 5.58 1.67
C ILE A 6 -2.62 4.33 1.51
N ARG A 7 -2.36 3.95 0.26
CA ARG A 7 -1.55 2.76 -0.02
C ARG A 7 -0.16 2.90 0.58
N ARG A 8 0.40 4.11 0.47
CA ARG A 8 1.71 4.41 1.02
C ARG A 8 1.72 4.23 2.54
N LEU A 9 0.71 4.81 3.20
CA LEU A 9 0.60 4.75 4.65
C LEU A 9 0.40 3.32 5.15
N ARG A 10 -0.42 2.58 4.44
CA ARG A 10 -0.71 1.18 4.80
C ARG A 10 0.49 0.29 4.53
N LEU A 11 1.16 0.54 3.40
CA LEU A 11 2.31 -0.28 3.00
C LEU A 11 3.48 -0.15 3.97
N LYS A 12 3.87 1.09 4.29
CA LYS A 12 5.00 1.32 5.20
C LYS A 12 4.75 0.65 6.54
N GLU A 13 3.49 0.57 6.95
CA GLU A 13 3.13 -0.07 8.21
C GLU A 13 3.39 -1.58 8.14
N TRP A 14 3.08 -2.17 6.98
CA TRP A 14 3.28 -3.62 6.79
C TRP A 14 4.75 -4.00 6.91
N PHE A 15 5.62 -3.21 6.28
CA PHE A 15 7.04 -3.48 6.31
C PHE A 15 7.77 -2.69 7.41
N LYS A 16 7.02 -2.05 8.30
CA LYS A 16 7.62 -1.28 9.39
C LYS A 16 8.47 -2.20 10.26
N ASP A 17 7.90 -3.35 10.61
CA ASP A 17 8.61 -4.34 11.44
C ASP A 17 9.12 -5.53 10.59
N LYS A 18 8.93 -5.45 9.27
CA LYS A 18 9.36 -6.52 8.37
C LYS A 18 10.25 -5.95 7.27
N THR A 19 10.80 -6.84 6.45
CA THR A 19 11.66 -6.45 5.33
C THR A 19 11.05 -6.90 4.02
N LEU A 20 11.40 -6.22 2.93
CA LEU A 20 10.88 -6.56 1.61
C LEU A 20 11.98 -7.13 0.69
N PRO A 21 11.68 -8.10 -0.18
CA PRO A 21 12.70 -8.69 -1.11
C PRO A 21 13.27 -7.62 -2.05
N PRO A 22 14.57 -7.65 -2.38
CA PRO A 22 15.19 -6.63 -3.30
C PRO A 22 14.48 -6.58 -4.65
N LYS A 23 13.93 -7.71 -5.08
CA LYS A 23 13.23 -7.81 -6.35
C LYS A 23 12.03 -6.86 -6.40
N GLU A 24 11.19 -6.93 -5.39
CA GLU A 24 10.00 -6.07 -5.32
C GLU A 24 10.32 -4.76 -4.61
N LYS A 25 11.44 -4.74 -3.88
CA LYS A 25 11.86 -3.55 -3.14
C LYS A 25 11.89 -2.32 -4.04
N SER A 26 12.34 -2.50 -5.27
CA SER A 26 12.41 -1.39 -6.22
C SER A 26 11.03 -0.78 -6.43
N TYR A 27 10.00 -1.65 -6.44
CA TYR A 27 8.61 -1.23 -6.66
C TYR A 27 7.90 -0.87 -5.34
N LEU A 28 8.12 -1.67 -4.29
CA LEU A 28 7.49 -1.43 -2.99
C LEU A 28 7.95 -0.09 -2.43
N SER A 29 9.23 0.20 -2.60
CA SER A 29 9.80 1.46 -2.12
C SER A 29 9.10 2.66 -2.76
N GLN A 30 8.66 2.50 -4.02
CA GLN A 30 7.97 3.59 -4.72
C GLN A 30 6.67 3.90 -4.01
N LEU A 31 5.96 2.84 -3.61
CA LEU A 31 4.70 2.98 -2.91
C LEU A 31 4.87 3.72 -1.59
N MET A 32 5.87 3.33 -0.81
CA MET A 32 6.15 4.00 0.47
C MET A 32 6.63 5.43 0.20
N SER A 33 7.39 5.59 -0.89
CA SER A 33 7.92 6.89 -1.29
C SER A 33 6.79 7.87 -1.61
N GLY A 34 5.68 7.34 -2.14
CA GLY A 34 4.52 8.17 -2.50
C GLY A 34 4.43 8.38 -4.02
N ARG A 35 5.50 8.06 -4.76
CA ARG A 35 5.49 8.22 -6.21
C ARG A 35 5.25 6.87 -6.90
N ALA A 36 4.04 6.71 -7.45
CA ALA A 36 3.68 5.46 -8.15
C ALA A 36 2.32 5.61 -8.81
N SER A 37 2.03 4.73 -9.78
CA SER A 37 0.75 4.75 -10.48
C SER A 37 -0.14 3.62 -9.98
N PHE A 38 -1.27 3.98 -9.37
CA PHE A 38 -2.19 2.99 -8.82
C PHE A 38 -3.64 3.38 -9.06
N GLY A 39 -4.52 2.43 -8.76
CA GLY A 39 -5.96 2.59 -8.94
C GLY A 39 -6.57 1.33 -9.59
N GLU A 40 -5.70 0.47 -10.14
CA GLU A 40 -6.12 -0.78 -10.78
C GLU A 40 -5.92 -1.95 -9.82
N LYS A 41 -6.19 -3.16 -10.31
CA LYS A 41 -6.04 -4.38 -9.52
C LYS A 41 -4.62 -4.53 -8.95
N ALA A 42 -3.65 -3.80 -9.51
CA ALA A 42 -2.25 -3.89 -9.05
C ALA A 42 -2.16 -3.88 -7.53
N ALA A 43 -2.98 -3.05 -6.87
CA ALA A 43 -2.97 -2.97 -5.42
C ALA A 43 -3.35 -4.32 -4.81
N ARG A 44 -4.37 -4.95 -5.40
CA ARG A 44 -4.84 -6.25 -4.94
C ARG A 44 -3.85 -7.35 -5.33
N ARG A 45 -3.12 -7.14 -6.44
CA ARG A 45 -2.14 -8.13 -6.90
C ARG A 45 -1.06 -8.35 -5.82
N ILE A 46 -0.80 -7.30 -5.06
CA ILE A 46 0.20 -7.35 -3.99
C ILE A 46 -0.33 -8.23 -2.86
N GLU A 47 -1.61 -8.05 -2.57
CA GLU A 47 -2.29 -8.77 -1.49
C GLU A 47 -2.36 -10.28 -1.74
N GLN A 48 -2.49 -10.69 -3.01
CA GLN A 48 -2.61 -12.13 -3.32
C GLN A 48 -1.31 -12.89 -3.05
N THR A 49 -0.20 -12.32 -3.46
CA THR A 49 1.11 -12.96 -3.26
C THR A 49 1.53 -12.93 -1.78
N TYR A 50 1.42 -11.76 -1.15
CA TYR A 50 1.78 -11.63 0.26
C TYR A 50 0.77 -12.33 1.18
N GLY A 51 -0.50 -12.37 0.74
CA GLY A 51 -1.55 -13.03 1.53
C GLY A 51 -2.39 -12.01 2.33
N MET A 52 -2.19 -10.72 2.08
CA MET A 52 -2.92 -9.67 2.76
C MET A 52 -4.39 -9.66 2.28
N PRO A 53 -5.32 -9.13 3.06
CA PRO A 53 -6.77 -9.10 2.67
C PRO A 53 -7.01 -8.14 1.50
N GLU A 54 -8.05 -8.46 0.71
CA GLU A 54 -8.40 -7.67 -0.46
C GLU A 54 -8.65 -6.20 -0.08
N GLY A 55 -7.99 -5.30 -0.82
CA GLY A 55 -8.14 -3.86 -0.60
C GLY A 55 -7.55 -3.41 0.74
N TYR A 56 -6.53 -4.14 1.23
CA TYR A 56 -5.88 -3.78 2.49
C TYR A 56 -5.23 -2.40 2.36
N LEU A 57 -4.49 -2.24 1.27
CA LEU A 57 -3.79 -1.00 0.96
C LEU A 57 -4.79 0.11 0.64
N ASP A 58 -5.82 -0.25 -0.12
CA ASP A 58 -6.85 0.70 -0.54
C ASP A 58 -7.66 1.22 0.66
N ALA A 59 -7.92 0.33 1.63
CA ALA A 59 -8.71 0.69 2.81
C ALA A 59 -8.21 1.99 3.44
N GLU A 60 -9.16 2.91 3.66
CA GLU A 60 -8.87 4.21 4.25
C GLU A 60 -8.95 4.11 5.77
N TYR A 61 -8.13 4.90 6.47
CA TYR A 61 -8.14 4.88 7.94
C TYR A 61 -8.16 6.30 8.50
N ALA A 62 -7.41 7.20 7.86
CA ALA A 62 -7.35 8.59 8.30
C ALA A 62 -8.70 9.29 8.17
N GLU A 63 -9.42 9.00 7.08
CA GLU A 63 -10.71 9.63 6.81
C GLU A 63 -11.92 8.79 7.29
N GLN A 64 -11.66 7.73 8.05
CA GLN A 64 -12.75 6.88 8.54
C GLN A 64 -13.70 7.67 9.45
N PRO A 65 -15.02 7.43 9.39
CA PRO A 65 -15.98 8.14 10.27
C PRO A 65 -15.63 7.96 11.74
N GLY A 66 -15.43 9.07 12.42
CA GLY A 66 -15.09 9.06 13.84
C GLY A 66 -13.60 8.77 14.08
N SER A 67 -12.79 8.86 13.00
CA SER A 67 -11.36 8.61 13.11
C SER A 67 -10.70 9.63 14.02
N SER A 68 -9.76 9.16 14.85
CA SER A 68 -9.05 10.03 15.77
C SER A 68 -7.93 10.78 15.05
N MET A 1 -6.29 11.31 -7.47
CA MET A 1 -6.53 9.99 -6.84
C MET A 1 -5.91 9.97 -5.45
N GLN A 2 -6.77 10.05 -4.43
CA GLN A 2 -6.30 10.04 -3.04
C GLN A 2 -6.06 8.60 -2.53
N LYS A 3 -6.47 7.61 -3.31
CA LYS A 3 -6.30 6.20 -2.93
C LYS A 3 -4.82 5.85 -2.76
N LYS A 4 -3.98 6.45 -3.59
CA LYS A 4 -2.54 6.19 -3.56
C LYS A 4 -1.94 6.56 -2.20
N GLU A 5 -2.44 7.64 -1.61
CA GLU A 5 -1.94 8.10 -0.31
C GLU A 5 -2.13 7.02 0.75
N ILE A 6 -3.31 6.40 0.76
CA ILE A 6 -3.61 5.34 1.73
C ILE A 6 -2.70 4.13 1.51
N ARG A 7 -2.44 3.80 0.24
CA ARG A 7 -1.60 2.66 -0.09
C ARG A 7 -0.20 2.84 0.48
N ARG A 8 0.30 4.07 0.39
CA ARG A 8 1.60 4.41 0.92
C ARG A 8 1.62 4.19 2.44
N LEU A 9 0.61 4.70 3.12
CA LEU A 9 0.53 4.60 4.58
C LEU A 9 0.40 3.15 5.03
N ARG A 10 -0.45 2.39 4.34
CA ARG A 10 -0.66 0.98 4.67
C ARG A 10 0.58 0.15 4.38
N LEU A 11 1.24 0.46 3.27
CA LEU A 11 2.42 -0.29 2.82
C LEU A 11 3.59 -0.14 3.80
N LYS A 12 3.90 1.11 4.18
CA LYS A 12 5.04 1.38 5.08
C LYS A 12 4.81 0.78 6.48
N GLU A 13 3.55 0.78 6.95
CA GLU A 13 3.25 0.22 8.27
C GLU A 13 3.54 -1.28 8.32
N TRP A 14 3.16 -1.99 7.24
CA TRP A 14 3.38 -3.42 7.16
C TRP A 14 4.87 -3.76 7.16
N PHE A 15 5.64 -2.98 6.40
CA PHE A 15 7.09 -3.23 6.29
C PHE A 15 7.90 -2.42 7.31
N LYS A 16 7.22 -1.80 8.28
CA LYS A 16 7.91 -1.02 9.31
C LYS A 16 8.87 -1.94 10.07
N ASP A 17 8.37 -3.11 10.46
CA ASP A 17 9.17 -4.10 11.18
C ASP A 17 9.58 -5.25 10.25
N LYS A 18 8.74 -5.53 9.26
CA LYS A 18 8.98 -6.61 8.30
C LYS A 18 9.94 -6.13 7.21
N THR A 19 10.23 -7.01 6.25
CA THR A 19 11.13 -6.69 5.15
C THR A 19 10.53 -7.18 3.82
N LEU A 20 10.93 -6.52 2.73
CA LEU A 20 10.44 -6.87 1.39
C LEU A 20 11.56 -7.43 0.50
N PRO A 21 11.24 -8.29 -0.47
CA PRO A 21 12.26 -8.89 -1.40
C PRO A 21 12.75 -7.88 -2.44
N PRO A 22 13.94 -8.05 -3.02
CA PRO A 22 14.49 -7.10 -4.04
C PRO A 22 13.66 -7.05 -5.34
N LYS A 23 12.92 -8.11 -5.62
CA LYS A 23 12.11 -8.17 -6.84
C LYS A 23 11.03 -7.07 -6.85
N GLU A 24 10.53 -6.72 -5.66
CA GLU A 24 9.50 -5.68 -5.53
C GLU A 24 10.02 -4.47 -4.74
N LYS A 25 11.10 -4.65 -3.99
CA LYS A 25 11.68 -3.57 -3.18
C LYS A 25 11.86 -2.29 -4.00
N SER A 26 12.30 -2.44 -5.24
CA SER A 26 12.51 -1.29 -6.11
C SER A 26 11.20 -0.52 -6.30
N TYR A 27 10.09 -1.26 -6.39
CA TYR A 27 8.76 -0.66 -6.60
C TYR A 27 8.08 -0.30 -5.27
N LEU A 28 8.21 -1.16 -4.27
CA LEU A 28 7.59 -0.94 -2.96
C LEU A 28 8.10 0.34 -2.33
N SER A 29 9.41 0.56 -2.47
CA SER A 29 10.04 1.76 -1.94
C SER A 29 9.41 3.01 -2.55
N GLN A 30 9.04 2.92 -3.83
CA GLN A 30 8.43 4.05 -4.54
C GLN A 30 7.10 4.41 -3.89
N LEU A 31 6.31 3.38 -3.55
CA LEU A 31 5.00 3.59 -2.94
C LEU A 31 5.16 4.28 -1.59
N MET A 32 6.14 3.84 -0.81
CA MET A 32 6.39 4.45 0.49
C MET A 32 6.89 5.89 0.29
N SER A 33 7.68 6.08 -0.77
CA SER A 33 8.24 7.39 -1.12
C SER A 33 7.14 8.39 -1.48
N GLY A 34 6.05 7.92 -2.07
CA GLY A 34 4.95 8.79 -2.47
C GLY A 34 4.84 8.95 -3.99
N ARG A 35 5.91 8.60 -4.71
CA ARG A 35 5.91 8.69 -6.17
C ARG A 35 5.68 7.31 -6.78
N ALA A 36 4.49 7.10 -7.33
CA ALA A 36 4.15 5.82 -7.95
C ALA A 36 2.82 5.91 -8.69
N SER A 37 2.53 4.89 -9.50
CA SER A 37 1.28 4.84 -10.26
C SER A 37 0.40 3.68 -9.79
N PHE A 38 -0.85 4.00 -9.43
CA PHE A 38 -1.78 2.98 -8.95
C PHE A 38 -3.19 3.25 -9.49
N GLY A 39 -4.08 2.29 -9.25
CA GLY A 39 -5.47 2.37 -9.72
C GLY A 39 -5.92 1.08 -10.39
N GLU A 40 -4.95 0.17 -10.64
CA GLU A 40 -5.24 -1.12 -11.27
C GLU A 40 -5.30 -2.21 -10.21
N LYS A 41 -5.61 -3.44 -10.63
CA LYS A 41 -5.69 -4.57 -9.71
C LYS A 41 -4.39 -4.72 -8.90
N ALA A 42 -3.30 -4.09 -9.36
CA ALA A 42 -2.00 -4.16 -8.68
C ALA A 42 -2.13 -4.07 -7.16
N ALA A 43 -3.05 -3.24 -6.68
CA ALA A 43 -3.23 -3.07 -5.24
C ALA A 43 -3.63 -4.38 -4.59
N ARG A 44 -4.53 -5.11 -5.25
CA ARG A 44 -5.00 -6.39 -4.74
C ARG A 44 -3.98 -7.50 -5.06
N ARG A 45 -3.27 -7.35 -6.18
CA ARG A 45 -2.28 -8.34 -6.58
C ARG A 45 -1.19 -8.50 -5.51
N ILE A 46 -0.83 -7.39 -4.87
CA ILE A 46 0.19 -7.40 -3.82
C ILE A 46 -0.30 -8.24 -2.65
N GLU A 47 -1.57 -8.05 -2.28
CA GLU A 47 -2.15 -8.76 -1.16
C GLU A 47 -2.20 -10.27 -1.44
N GLN A 48 -2.39 -10.64 -2.72
CA GLN A 48 -2.47 -12.04 -3.11
C GLN A 48 -1.16 -12.78 -2.85
N THR A 49 -0.03 -12.13 -3.15
CA THR A 49 1.28 -12.75 -2.95
C THR A 49 1.67 -12.79 -1.47
N TYR A 50 1.22 -11.79 -0.70
CA TYR A 50 1.53 -11.74 0.73
C TYR A 50 0.46 -12.46 1.58
N GLY A 51 -0.67 -12.83 0.96
CA GLY A 51 -1.75 -13.54 1.67
C GLY A 51 -2.62 -12.58 2.48
N MET A 52 -2.55 -11.29 2.15
CA MET A 52 -3.31 -10.27 2.84
C MET A 52 -4.75 -10.19 2.28
N PRO A 53 -5.69 -9.58 3.01
CA PRO A 53 -7.11 -9.48 2.55
C PRO A 53 -7.25 -8.55 1.34
N GLU A 54 -8.29 -8.82 0.55
CA GLU A 54 -8.56 -8.04 -0.66
C GLU A 54 -8.81 -6.58 -0.33
N GLY A 55 -8.11 -5.68 -1.03
CA GLY A 55 -8.28 -4.24 -0.82
C GLY A 55 -7.76 -3.78 0.55
N TYR A 56 -6.76 -4.48 1.08
CA TYR A 56 -6.20 -4.10 2.38
C TYR A 56 -5.61 -2.69 2.30
N LEU A 57 -4.84 -2.47 1.24
CA LEU A 57 -4.19 -1.19 0.99
C LEU A 57 -5.23 -0.09 0.76
N ASP A 58 -6.30 -0.45 0.06
CA ASP A 58 -7.37 0.48 -0.25
C ASP A 58 -8.01 1.04 1.03
N ALA A 59 -8.18 0.19 2.05
CA ALA A 59 -8.80 0.59 3.30
C ALA A 59 -8.20 1.90 3.83
N GLU A 60 -9.06 2.91 3.92
CA GLU A 60 -8.66 4.24 4.40
C GLU A 60 -8.86 4.35 5.90
N TYR A 61 -8.04 5.17 6.56
CA TYR A 61 -8.15 5.37 8.02
C TYR A 61 -8.10 6.86 8.39
N ALA A 62 -7.46 7.67 7.54
CA ALA A 62 -7.35 9.11 7.78
C ALA A 62 -8.69 9.82 7.59
N GLU A 63 -9.61 9.18 6.85
CA GLU A 63 -10.93 9.75 6.58
C GLU A 63 -11.70 10.01 7.86
N GLN A 64 -11.50 9.14 8.81
CA GLN A 64 -12.18 9.22 10.12
C GLN A 64 -11.95 10.59 10.78
N PRO A 65 -12.97 11.22 11.37
CA PRO A 65 -12.79 12.51 12.07
C PRO A 65 -11.76 12.39 13.19
N GLY A 66 -10.81 13.31 13.17
CA GLY A 66 -9.75 13.34 14.17
C GLY A 66 -8.43 12.74 13.66
N SER A 67 -8.37 12.45 12.35
CA SER A 67 -7.16 11.88 11.75
C SER A 67 -6.59 12.83 10.71
N SER A 68 -5.26 12.83 10.57
CA SER A 68 -4.58 13.67 9.60
C SER A 68 -4.53 13.00 8.24
N MET A 1 -6.20 9.94 -7.61
CA MET A 1 -4.99 10.77 -7.32
C MET A 1 -4.60 10.58 -5.86
N GLN A 2 -5.58 10.62 -4.97
CA GLN A 2 -5.34 10.46 -3.53
C GLN A 2 -5.36 8.98 -3.11
N LYS A 3 -5.73 8.08 -4.03
CA LYS A 3 -5.80 6.65 -3.73
C LYS A 3 -4.42 6.11 -3.35
N LYS A 4 -3.39 6.58 -4.06
CA LYS A 4 -2.02 6.13 -3.79
C LYS A 4 -1.56 6.53 -2.37
N GLU A 5 -2.15 7.61 -1.85
CA GLU A 5 -1.80 8.08 -0.50
C GLU A 5 -2.15 7.03 0.55
N ILE A 6 -3.33 6.43 0.39
CA ILE A 6 -3.78 5.38 1.33
C ILE A 6 -2.84 4.18 1.22
N ARG A 7 -2.49 3.82 -0.01
CA ARG A 7 -1.61 2.69 -0.25
C ARG A 7 -0.25 2.93 0.40
N ARG A 8 0.23 4.17 0.30
CA ARG A 8 1.51 4.55 0.87
C ARG A 8 1.53 4.36 2.40
N LEU A 9 0.51 4.89 3.08
CA LEU A 9 0.43 4.77 4.54
C LEU A 9 0.27 3.33 4.98
N ARG A 10 -0.60 2.61 4.29
CA ARG A 10 -0.85 1.22 4.62
C ARG A 10 0.37 0.34 4.32
N LEU A 11 1.04 0.65 3.21
CA LEU A 11 2.22 -0.12 2.78
C LEU A 11 3.38 -0.02 3.78
N LYS A 12 3.73 1.22 4.17
CA LYS A 12 4.85 1.41 5.10
C LYS A 12 4.55 0.87 6.49
N GLU A 13 3.27 0.92 6.88
CA GLU A 13 2.86 0.39 8.19
C GLU A 13 3.07 -1.11 8.23
N TRP A 14 2.73 -1.78 7.12
CA TRP A 14 2.87 -3.22 6.99
C TRP A 14 4.35 -3.64 7.06
N PHE A 15 5.20 -2.90 6.35
CA PHE A 15 6.62 -3.21 6.30
C PHE A 15 7.46 -2.42 7.32
N LYS A 16 6.80 -1.72 8.23
CA LYS A 16 7.52 -0.94 9.24
C LYS A 16 8.39 -1.88 10.07
N ASP A 17 7.81 -3.01 10.48
CA ASP A 17 8.53 -4.02 11.27
C ASP A 17 8.82 -5.30 10.45
N LYS A 18 8.59 -5.24 9.13
CA LYS A 18 8.81 -6.40 8.26
C LYS A 18 9.67 -6.03 7.06
N THR A 19 10.28 -7.05 6.44
CA THR A 19 11.12 -6.85 5.27
C THR A 19 10.38 -7.26 4.00
N LEU A 20 10.86 -6.76 2.84
CA LEU A 20 10.24 -7.05 1.56
C LEU A 20 11.25 -7.66 0.56
N PRO A 21 10.82 -8.56 -0.34
CA PRO A 21 11.75 -9.18 -1.36
C PRO A 21 12.39 -8.14 -2.28
N PRO A 22 13.65 -8.30 -2.71
CA PRO A 22 14.34 -7.33 -3.62
C PRO A 22 13.62 -7.12 -4.95
N LYS A 23 12.96 -8.19 -5.44
CA LYS A 23 12.25 -8.13 -6.72
C LYS A 23 11.14 -7.07 -6.71
N GLU A 24 10.55 -6.84 -5.54
CA GLU A 24 9.48 -5.84 -5.42
C GLU A 24 9.96 -4.62 -4.63
N LYS A 25 11.01 -4.78 -3.83
CA LYS A 25 11.55 -3.68 -3.02
C LYS A 25 11.76 -2.42 -3.86
N SER A 26 12.23 -2.59 -5.09
CA SER A 26 12.46 -1.46 -5.97
C SER A 26 11.15 -0.70 -6.20
N TYR A 27 10.05 -1.44 -6.32
CA TYR A 27 8.73 -0.86 -6.56
C TYR A 27 8.03 -0.44 -5.25
N LEU A 28 8.17 -1.28 -4.21
CA LEU A 28 7.53 -1.02 -2.92
C LEU A 28 8.05 0.28 -2.31
N SER A 29 9.35 0.49 -2.44
CA SER A 29 9.97 1.71 -1.91
C SER A 29 9.35 2.94 -2.56
N GLN A 30 8.92 2.80 -3.83
CA GLN A 30 8.31 3.92 -4.55
C GLN A 30 6.97 4.30 -3.93
N LEU A 31 6.19 3.30 -3.55
CA LEU A 31 4.87 3.53 -2.95
C LEU A 31 5.01 4.28 -1.64
N MET A 32 5.93 3.82 -0.79
CA MET A 32 6.17 4.48 0.50
C MET A 32 6.69 5.89 0.25
N SER A 33 7.54 6.03 -0.78
CA SER A 33 8.11 7.31 -1.16
C SER A 33 7.03 8.32 -1.54
N GLY A 34 5.92 7.82 -2.09
CA GLY A 34 4.81 8.68 -2.51
C GLY A 34 4.76 8.84 -4.04
N ARG A 35 5.85 8.48 -4.72
CA ARG A 35 5.89 8.57 -6.18
C ARG A 35 5.66 7.19 -6.80
N ALA A 36 4.47 7.00 -7.39
CA ALA A 36 4.13 5.73 -8.01
C ALA A 36 2.82 5.84 -8.77
N SER A 37 2.53 4.84 -9.61
CA SER A 37 1.30 4.82 -10.40
C SER A 37 0.36 3.73 -9.88
N PHE A 38 -0.89 4.11 -9.64
CA PHE A 38 -1.90 3.18 -9.15
C PHE A 38 -3.29 3.55 -9.69
N GLY A 39 -4.12 2.51 -9.84
CA GLY A 39 -5.49 2.67 -10.35
C GLY A 39 -6.10 1.32 -10.73
N GLU A 40 -5.23 0.32 -10.97
CA GLU A 40 -5.67 -1.02 -11.35
C GLU A 40 -5.63 -1.98 -10.14
N LYS A 41 -5.95 -3.24 -10.41
CA LYS A 41 -5.95 -4.30 -9.40
C LYS A 41 -4.62 -4.40 -8.63
N ALA A 42 -3.56 -3.78 -9.19
CA ALA A 42 -2.22 -3.84 -8.59
C ALA A 42 -2.23 -3.78 -7.05
N ALA A 43 -3.13 -2.98 -6.47
CA ALA A 43 -3.20 -2.87 -5.01
C ALA A 43 -3.52 -4.22 -4.37
N ARG A 44 -4.46 -4.93 -4.98
CA ARG A 44 -4.88 -6.24 -4.48
C ARG A 44 -3.96 -7.36 -5.00
N ARG A 45 -3.34 -7.14 -6.16
CA ARG A 45 -2.43 -8.14 -6.75
C ARG A 45 -1.25 -8.41 -5.80
N ILE A 46 -0.87 -7.39 -5.03
CA ILE A 46 0.23 -7.51 -4.07
C ILE A 46 -0.21 -8.38 -2.89
N GLU A 47 -1.44 -8.16 -2.45
CA GLU A 47 -2.01 -8.87 -1.32
C GLU A 47 -2.17 -10.36 -1.58
N GLN A 48 -2.50 -10.73 -2.83
CA GLN A 48 -2.71 -12.14 -3.16
C GLN A 48 -1.40 -12.93 -3.12
N THR A 49 -0.34 -12.34 -3.68
CA THR A 49 0.97 -13.01 -3.71
C THR A 49 1.57 -13.08 -2.31
N TYR A 50 1.56 -11.96 -1.58
CA TYR A 50 2.10 -11.92 -0.22
C TYR A 50 1.19 -12.67 0.76
N GLY A 51 -0.12 -12.66 0.48
CA GLY A 51 -1.10 -13.34 1.34
C GLY A 51 -1.90 -12.38 2.22
N MET A 52 -1.71 -11.06 2.04
CA MET A 52 -2.44 -10.07 2.82
C MET A 52 -3.92 -10.05 2.43
N PRO A 53 -4.81 -9.54 3.29
CA PRO A 53 -6.27 -9.48 3.00
C PRO A 53 -6.59 -8.49 1.87
N GLU A 54 -7.69 -8.76 1.17
CA GLU A 54 -8.12 -7.92 0.04
C GLU A 54 -8.36 -6.47 0.49
N GLY A 55 -7.78 -5.54 -0.26
CA GLY A 55 -7.92 -4.12 0.03
C GLY A 55 -7.21 -3.69 1.31
N TYR A 56 -6.17 -4.45 1.71
CA TYR A 56 -5.42 -4.11 2.92
C TYR A 56 -4.77 -2.74 2.73
N LEU A 57 -4.09 -2.61 1.59
CA LEU A 57 -3.40 -1.38 1.23
C LEU A 57 -4.43 -0.27 0.96
N ASP A 58 -5.52 -0.66 0.31
CA ASP A 58 -6.60 0.26 -0.03
C ASP A 58 -7.39 0.69 1.22
N ALA A 59 -7.19 -0.03 2.33
CA ALA A 59 -7.91 0.28 3.58
C ALA A 59 -7.87 1.77 3.87
N GLU A 60 -9.06 2.38 3.91
CA GLU A 60 -9.20 3.80 4.16
C GLU A 60 -9.17 4.09 5.65
N TYR A 61 -8.72 5.29 5.98
CA TYR A 61 -8.64 5.74 7.37
C TYR A 61 -9.52 6.97 7.58
N ALA A 62 -9.47 7.88 6.62
CA ALA A 62 -10.26 9.12 6.66
C ALA A 62 -11.76 8.80 6.52
N GLU A 63 -12.08 7.85 5.65
CA GLU A 63 -13.47 7.47 5.39
C GLU A 63 -13.99 6.37 6.31
N GLN A 64 -13.21 6.01 7.34
CA GLN A 64 -13.61 4.98 8.28
C GLN A 64 -14.90 5.37 9.01
N PRO A 65 -15.85 4.45 9.22
CA PRO A 65 -17.11 4.78 9.95
C PRO A 65 -16.86 4.93 11.44
N GLY A 66 -17.31 6.04 11.99
CA GLY A 66 -17.14 6.32 13.43
C GLY A 66 -15.86 7.11 13.71
N SER A 67 -15.03 7.33 12.69
CA SER A 67 -13.78 8.08 12.85
C SER A 67 -13.85 9.41 12.12
N SER A 68 -13.30 10.46 12.75
CA SER A 68 -13.30 11.79 12.17
C SER A 68 -11.88 12.30 11.98
N MET A 1 -8.83 12.21 -4.31
CA MET A 1 -7.89 11.80 -5.41
C MET A 1 -6.51 11.50 -4.80
N GLN A 2 -6.53 10.81 -3.64
CA GLN A 2 -5.29 10.46 -2.95
C GLN A 2 -5.18 8.94 -2.73
N LYS A 3 -5.79 8.17 -3.64
CA LYS A 3 -5.77 6.71 -3.54
C LYS A 3 -4.36 6.16 -3.33
N LYS A 4 -3.37 6.85 -3.91
CA LYS A 4 -1.97 6.44 -3.76
C LYS A 4 -1.46 6.63 -2.32
N GLU A 5 -2.01 7.65 -1.65
CA GLU A 5 -1.61 7.96 -0.27
C GLU A 5 -2.00 6.84 0.69
N ILE A 6 -3.19 6.27 0.49
CA ILE A 6 -3.68 5.20 1.37
C ILE A 6 -2.75 3.99 1.26
N ARG A 7 -2.38 3.65 0.03
CA ARG A 7 -1.50 2.50 -0.20
C ARG A 7 -0.16 2.71 0.50
N ARG A 8 0.33 3.95 0.44
CA ARG A 8 1.59 4.32 1.06
C ARG A 8 1.55 4.09 2.58
N LEU A 9 0.49 4.59 3.22
CA LEU A 9 0.36 4.47 4.68
C LEU A 9 0.28 3.02 5.12
N ARG A 10 -0.53 2.23 4.42
CA ARG A 10 -0.70 0.82 4.75
C ARG A 10 0.56 0.03 4.44
N LEU A 11 1.21 0.36 3.33
CA LEU A 11 2.41 -0.35 2.89
C LEU A 11 3.60 -0.13 3.83
N LYS A 12 3.87 1.13 4.20
CA LYS A 12 5.01 1.44 5.08
C LYS A 12 4.81 0.82 6.46
N GLU A 13 3.56 0.77 6.93
CA GLU A 13 3.27 0.16 8.24
C GLU A 13 3.50 -1.34 8.18
N TRP A 14 3.11 -1.95 7.06
CA TRP A 14 3.26 -3.39 6.86
C TRP A 14 4.74 -3.79 6.88
N PHE A 15 5.57 -3.00 6.18
CA PHE A 15 7.00 -3.28 6.12
C PHE A 15 7.79 -2.51 7.18
N LYS A 16 7.10 -1.86 8.12
CA LYS A 16 7.78 -1.11 9.18
C LYS A 16 8.64 -2.07 9.99
N ASP A 17 8.06 -3.22 10.34
CA ASP A 17 8.79 -4.25 11.10
C ASP A 17 9.02 -5.52 10.25
N LYS A 18 8.81 -5.42 8.94
CA LYS A 18 9.00 -6.54 8.03
C LYS A 18 9.84 -6.12 6.83
N THR A 19 10.42 -7.11 6.14
CA THR A 19 11.26 -6.84 4.97
C THR A 19 10.56 -7.24 3.68
N LEU A 20 11.04 -6.67 2.57
CA LEU A 20 10.47 -6.93 1.24
C LEU A 20 11.51 -7.56 0.31
N PRO A 21 11.11 -8.37 -0.68
CA PRO A 21 12.07 -9.01 -1.63
C PRO A 21 12.67 -7.98 -2.63
N PRO A 22 13.91 -8.16 -3.08
CA PRO A 22 14.56 -7.21 -4.05
C PRO A 22 13.76 -7.05 -5.35
N LYS A 23 12.95 -8.06 -5.68
CA LYS A 23 12.17 -8.06 -6.90
C LYS A 23 11.20 -6.87 -6.93
N GLU A 24 10.42 -6.71 -5.86
CA GLU A 24 9.46 -5.61 -5.79
C GLU A 24 10.00 -4.45 -4.96
N LYS A 25 11.09 -4.68 -4.25
CA LYS A 25 11.71 -3.65 -3.40
C LYS A 25 11.90 -2.34 -4.16
N SER A 26 12.30 -2.43 -5.42
CA SER A 26 12.52 -1.24 -6.23
C SER A 26 11.23 -0.41 -6.35
N TYR A 27 10.10 -1.12 -6.45
CA TYR A 27 8.78 -0.49 -6.61
C TYR A 27 8.11 -0.21 -5.25
N LEU A 28 8.29 -1.11 -4.27
CA LEU A 28 7.66 -0.95 -2.96
C LEU A 28 8.15 0.32 -2.29
N SER A 29 9.45 0.56 -2.39
CA SER A 29 10.05 1.76 -1.80
C SER A 29 9.41 3.02 -2.38
N GLN A 30 9.02 2.96 -3.67
CA GLN A 30 8.41 4.10 -4.34
C GLN A 30 7.05 4.41 -3.72
N LEU A 31 6.29 3.35 -3.42
CA LEU A 31 4.96 3.50 -2.83
C LEU A 31 5.05 4.17 -1.47
N MET A 32 6.03 3.74 -0.66
CA MET A 32 6.22 4.33 0.66
C MET A 32 6.66 5.80 0.50
N SER A 33 7.48 6.04 -0.52
CA SER A 33 7.98 7.38 -0.83
C SER A 33 6.83 8.32 -1.18
N GLY A 34 5.78 7.78 -1.81
CA GLY A 34 4.61 8.57 -2.21
C GLY A 34 4.56 8.79 -3.72
N ARG A 35 5.68 8.55 -4.40
CA ARG A 35 5.74 8.71 -5.85
C ARG A 35 5.64 7.34 -6.53
N ALA A 36 4.49 7.08 -7.15
CA ALA A 36 4.27 5.80 -7.83
C ALA A 36 2.99 5.85 -8.66
N SER A 37 2.78 4.82 -9.48
CA SER A 37 1.59 4.73 -10.32
C SER A 37 0.64 3.64 -9.81
N PHE A 38 -0.60 4.04 -9.55
CA PHE A 38 -1.63 3.11 -9.06
C PHE A 38 -2.99 3.50 -9.63
N GLY A 39 -3.86 2.50 -9.76
CA GLY A 39 -5.21 2.68 -10.29
C GLY A 39 -5.85 1.34 -10.69
N GLU A 40 -5.00 0.32 -10.90
CA GLU A 40 -5.47 -1.00 -11.27
C GLU A 40 -5.49 -1.96 -10.08
N LYS A 41 -5.85 -3.21 -10.35
CA LYS A 41 -5.92 -4.27 -9.33
C LYS A 41 -4.62 -4.41 -8.53
N ALA A 42 -3.52 -3.83 -9.05
CA ALA A 42 -2.19 -3.93 -8.41
C ALA A 42 -2.25 -3.89 -6.88
N ALA A 43 -3.13 -3.05 -6.32
CA ALA A 43 -3.23 -2.94 -4.86
C ALA A 43 -3.64 -4.27 -4.24
N ARG A 44 -4.61 -4.95 -4.88
CA ARG A 44 -5.09 -6.24 -4.39
C ARG A 44 -4.18 -7.39 -4.85
N ARG A 45 -3.52 -7.20 -6.00
CA ARG A 45 -2.64 -8.23 -6.56
C ARG A 45 -1.51 -8.56 -5.57
N ILE A 46 -0.98 -7.52 -4.92
CA ILE A 46 0.11 -7.67 -3.96
C ILE A 46 -0.38 -8.49 -2.75
N GLU A 47 -1.61 -8.21 -2.33
CA GLU A 47 -2.20 -8.90 -1.19
C GLU A 47 -2.29 -10.41 -1.44
N GLN A 48 -2.57 -10.79 -2.69
CA GLN A 48 -2.70 -12.21 -3.04
C GLN A 48 -1.38 -12.97 -2.82
N THR A 49 -0.26 -12.35 -3.18
CA THR A 49 1.05 -13.01 -3.03
C THR A 49 1.58 -12.88 -1.61
N TYR A 50 1.46 -11.68 -1.03
CA TYR A 50 1.92 -11.45 0.35
C TYR A 50 1.05 -12.19 1.36
N GLY A 51 -0.23 -12.38 1.02
CA GLY A 51 -1.18 -13.06 1.90
C GLY A 51 -2.01 -12.07 2.73
N MET A 52 -1.88 -10.77 2.44
CA MET A 52 -2.64 -9.75 3.14
C MET A 52 -4.12 -9.82 2.75
N PRO A 53 -5.03 -9.34 3.59
CA PRO A 53 -6.50 -9.38 3.27
C PRO A 53 -6.84 -8.49 2.09
N GLU A 54 -7.85 -8.90 1.31
CA GLU A 54 -8.27 -8.14 0.14
C GLU A 54 -8.66 -6.72 0.52
N GLY A 55 -8.12 -5.75 -0.22
CA GLY A 55 -8.41 -4.34 0.02
C GLY A 55 -7.73 -3.82 1.29
N TYR A 56 -6.63 -4.47 1.71
CA TYR A 56 -5.90 -4.02 2.89
C TYR A 56 -5.34 -2.64 2.61
N LEU A 57 -4.69 -2.53 1.46
CA LEU A 57 -4.08 -1.28 1.02
C LEU A 57 -5.13 -0.31 0.49
N ASP A 58 -6.13 -0.87 -0.20
CA ASP A 58 -7.21 -0.08 -0.79
C ASP A 58 -8.02 0.66 0.26
N ALA A 59 -8.33 -0.02 1.38
CA ALA A 59 -9.14 0.59 2.44
C ALA A 59 -8.55 1.93 2.86
N GLU A 60 -9.35 2.97 2.71
CA GLU A 60 -8.94 4.34 3.04
C GLU A 60 -9.30 4.67 4.49
N TYR A 61 -8.44 5.44 5.14
CA TYR A 61 -8.68 5.84 6.53
C TYR A 61 -8.29 7.31 6.73
N ALA A 62 -7.21 7.74 6.08
CA ALA A 62 -6.75 9.12 6.16
C ALA A 62 -7.78 10.07 5.57
N GLU A 63 -8.39 9.66 4.46
CA GLU A 63 -9.39 10.47 3.76
C GLU A 63 -10.81 10.27 4.31
N GLN A 64 -10.94 9.42 5.33
CA GLN A 64 -12.24 9.14 5.93
C GLN A 64 -12.88 10.45 6.43
N PRO A 65 -14.19 10.63 6.32
CA PRO A 65 -14.85 11.89 6.79
C PRO A 65 -14.50 12.19 8.25
N GLY A 66 -14.06 13.42 8.47
CA GLY A 66 -13.67 13.88 9.81
C GLY A 66 -12.16 13.88 10.02
N SER A 67 -11.40 13.65 8.94
CA SER A 67 -9.94 13.64 9.04
C SER A 67 -9.36 14.95 8.49
N SER A 68 -8.60 15.65 9.34
CA SER A 68 -7.98 16.92 8.95
C SER A 68 -6.50 16.74 8.66
N MET A 1 -5.08 12.73 1.26
CA MET A 1 -5.20 13.74 0.17
C MET A 1 -5.51 13.02 -1.15
N GLN A 2 -4.81 11.91 -1.38
CA GLN A 2 -5.01 11.13 -2.61
C GLN A 2 -5.10 9.63 -2.29
N LYS A 3 -5.67 8.87 -3.21
CA LYS A 3 -5.83 7.43 -3.05
C LYS A 3 -4.47 6.76 -2.86
N LYS A 4 -3.47 7.25 -3.60
CA LYS A 4 -2.12 6.71 -3.53
C LYS A 4 -1.56 6.82 -2.10
N GLU A 5 -1.89 7.93 -1.44
CA GLU A 5 -1.40 8.19 -0.08
C GLU A 5 -1.85 7.08 0.89
N ILE A 6 -3.10 6.63 0.76
CA ILE A 6 -3.61 5.58 1.63
C ILE A 6 -2.82 4.28 1.42
N ARG A 7 -2.56 3.95 0.15
CA ARG A 7 -1.79 2.75 -0.17
C ARG A 7 -0.39 2.85 0.45
N ARG A 8 0.18 4.07 0.40
CA ARG A 8 1.49 4.34 0.96
C ARG A 8 1.52 4.09 2.48
N LEU A 9 0.52 4.62 3.20
CA LEU A 9 0.47 4.47 4.65
C LEU A 9 0.34 3.01 5.04
N ARG A 10 -0.53 2.29 4.32
CA ARG A 10 -0.74 0.87 4.59
C ARG A 10 0.52 0.06 4.29
N LEU A 11 1.22 0.42 3.22
CA LEU A 11 2.41 -0.31 2.79
C LEU A 11 3.58 -0.16 3.77
N LYS A 12 3.93 1.09 4.14
CA LYS A 12 5.07 1.30 5.05
C LYS A 12 4.81 0.69 6.42
N GLU A 13 3.53 0.66 6.85
CA GLU A 13 3.18 0.06 8.12
C GLU A 13 3.45 -1.45 8.08
N TRP A 14 3.13 -2.07 6.94
CA TRP A 14 3.33 -3.50 6.76
C TRP A 14 4.81 -3.85 6.86
N PHE A 15 5.64 -3.05 6.19
CA PHE A 15 7.08 -3.30 6.18
C PHE A 15 7.83 -2.48 7.24
N LYS A 16 7.08 -1.84 8.16
CA LYS A 16 7.70 -1.05 9.22
C LYS A 16 8.59 -1.96 10.07
N ASP A 17 8.03 -3.11 10.45
CA ASP A 17 8.77 -4.10 11.24
C ASP A 17 9.16 -5.33 10.40
N LYS A 18 8.87 -5.28 9.09
CA LYS A 18 9.17 -6.39 8.19
C LYS A 18 9.96 -5.91 6.98
N THR A 19 10.63 -6.84 6.31
CA THR A 19 11.44 -6.51 5.12
C THR A 19 10.73 -6.97 3.85
N LEU A 20 11.06 -6.31 2.74
CA LEU A 20 10.46 -6.65 1.45
C LEU A 20 11.47 -7.38 0.53
N PRO A 21 10.99 -8.21 -0.41
CA PRO A 21 11.91 -8.96 -1.34
C PRO A 21 12.55 -8.02 -2.37
N PRO A 22 13.78 -8.26 -2.81
CA PRO A 22 14.48 -7.38 -3.82
C PRO A 22 13.69 -7.23 -5.12
N LYS A 23 12.90 -8.24 -5.46
CA LYS A 23 12.12 -8.23 -6.70
C LYS A 23 11.17 -7.04 -6.75
N GLU A 24 10.36 -6.89 -5.70
CA GLU A 24 9.41 -5.78 -5.63
C GLU A 24 9.97 -4.61 -4.83
N LYS A 25 11.09 -4.82 -4.16
CA LYS A 25 11.71 -3.78 -3.33
C LYS A 25 11.85 -2.47 -4.11
N SER A 26 12.27 -2.55 -5.37
CA SER A 26 12.43 -1.36 -6.18
C SER A 26 11.08 -0.64 -6.31
N TYR A 27 10.02 -1.42 -6.47
CA TYR A 27 8.66 -0.89 -6.62
C TYR A 27 8.03 -0.45 -5.28
N LEU A 28 8.18 -1.29 -4.27
CA LEU A 28 7.61 -1.03 -2.94
C LEU A 28 8.20 0.25 -2.35
N SER A 29 9.49 0.44 -2.55
CA SER A 29 10.17 1.63 -2.05
C SER A 29 9.55 2.90 -2.66
N GLN A 30 9.05 2.78 -3.90
CA GLN A 30 8.44 3.94 -4.58
C GLN A 30 7.12 4.31 -3.92
N LEU A 31 6.33 3.29 -3.56
CA LEU A 31 5.04 3.51 -2.92
C LEU A 31 5.22 4.20 -1.58
N MET A 32 6.21 3.76 -0.81
CA MET A 32 6.49 4.36 0.48
C MET A 32 7.00 5.79 0.27
N SER A 33 7.76 5.98 -0.82
CA SER A 33 8.31 7.28 -1.18
C SER A 33 7.20 8.29 -1.51
N GLY A 34 6.06 7.78 -1.98
CA GLY A 34 4.92 8.65 -2.34
C GLY A 34 4.80 8.82 -3.85
N ARG A 35 5.85 8.45 -4.60
CA ARG A 35 5.83 8.55 -6.06
C ARG A 35 5.56 7.19 -6.68
N ALA A 36 4.35 7.02 -7.24
CA ALA A 36 3.96 5.76 -7.86
C ALA A 36 2.62 5.89 -8.59
N SER A 37 2.26 4.85 -9.34
CA SER A 37 1.01 4.84 -10.09
C SER A 37 0.14 3.65 -9.66
N PHE A 38 -1.09 3.94 -9.26
CA PHE A 38 -2.03 2.90 -8.82
C PHE A 38 -3.41 3.15 -9.41
N GLY A 39 -4.31 2.18 -9.22
CA GLY A 39 -5.68 2.26 -9.73
C GLY A 39 -6.13 0.95 -10.38
N GLU A 40 -5.15 0.09 -10.70
CA GLU A 40 -5.44 -1.21 -11.31
C GLU A 40 -5.39 -2.31 -10.26
N LYS A 41 -5.60 -3.56 -10.70
CA LYS A 41 -5.57 -4.71 -9.79
C LYS A 41 -4.27 -4.77 -8.99
N ALA A 42 -3.24 -4.05 -9.45
CA ALA A 42 -1.92 -4.05 -8.77
C ALA A 42 -2.07 -3.93 -7.26
N ALA A 43 -3.03 -3.14 -6.80
CA ALA A 43 -3.22 -2.97 -5.36
C ALA A 43 -3.56 -4.31 -4.71
N ARG A 44 -4.39 -5.09 -5.39
CA ARG A 44 -4.80 -6.41 -4.90
C ARG A 44 -3.71 -7.46 -5.20
N ARG A 45 -2.90 -7.24 -6.25
CA ARG A 45 -1.85 -8.19 -6.60
C ARG A 45 -0.83 -8.34 -5.47
N ILE A 46 -0.62 -7.26 -4.71
CA ILE A 46 0.31 -7.27 -3.60
C ILE A 46 -0.24 -8.17 -2.50
N GLU A 47 -1.54 -8.04 -2.27
CA GLU A 47 -2.24 -8.79 -1.24
C GLU A 47 -2.20 -10.30 -1.49
N GLN A 48 -2.24 -10.73 -2.76
CA GLN A 48 -2.22 -12.17 -3.06
C GLN A 48 -0.85 -12.79 -2.81
N THR A 49 0.19 -12.07 -3.21
CA THR A 49 1.56 -12.54 -3.06
C THR A 49 1.99 -12.56 -1.58
N TYR A 50 1.53 -11.56 -0.80
CA TYR A 50 1.88 -11.49 0.62
C TYR A 50 0.84 -12.22 1.49
N GLY A 51 -0.37 -12.44 0.94
CA GLY A 51 -1.43 -13.15 1.67
C GLY A 51 -2.38 -12.20 2.42
N MET A 52 -2.22 -10.88 2.21
CA MET A 52 -3.08 -9.90 2.86
C MET A 52 -4.49 -9.94 2.27
N PRO A 53 -5.50 -9.44 2.99
CA PRO A 53 -6.92 -9.45 2.51
C PRO A 53 -7.16 -8.53 1.33
N GLU A 54 -8.15 -8.88 0.51
CA GLU A 54 -8.50 -8.10 -0.68
C GLU A 54 -8.84 -6.66 -0.30
N GLY A 55 -8.20 -5.71 -0.99
CA GLY A 55 -8.45 -4.28 -0.75
C GLY A 55 -7.95 -3.83 0.62
N TYR A 56 -6.90 -4.49 1.13
CA TYR A 56 -6.32 -4.12 2.42
C TYR A 56 -5.80 -2.70 2.35
N LEU A 57 -5.08 -2.41 1.27
CA LEU A 57 -4.51 -1.09 1.04
C LEU A 57 -5.61 -0.05 0.90
N ASP A 58 -6.72 -0.45 0.28
CA ASP A 58 -7.87 0.44 0.07
C ASP A 58 -8.39 0.99 1.39
N ALA A 59 -8.43 0.15 2.43
CA ALA A 59 -8.92 0.58 3.74
C ALA A 59 -8.23 1.88 4.15
N GLU A 60 -8.94 2.99 3.93
CA GLU A 60 -8.41 4.32 4.23
C GLU A 60 -8.77 4.80 5.63
N TYR A 61 -7.83 5.57 6.20
CA TYR A 61 -7.99 6.14 7.53
C TYR A 61 -7.71 7.64 7.52
N ALA A 62 -6.79 8.06 6.63
CA ALA A 62 -6.44 9.47 6.50
C ALA A 62 -7.65 10.30 6.06
N GLU A 63 -8.45 9.74 5.16
CA GLU A 63 -9.64 10.42 4.63
C GLU A 63 -10.84 10.38 5.57
N GLN A 64 -10.71 9.64 6.67
CA GLN A 64 -11.81 9.51 7.64
C GLN A 64 -12.10 10.86 8.32
N PRO A 65 -13.36 11.11 8.71
CA PRO A 65 -13.71 12.37 9.42
C PRO A 65 -13.21 12.33 10.85
N GLY A 66 -12.66 13.45 11.28
CA GLY A 66 -12.11 13.59 12.64
C GLY A 66 -10.60 13.32 12.69
N SER A 67 -9.97 13.14 11.52
CA SER A 67 -8.53 12.88 11.46
C SER A 67 -7.82 13.97 10.65
N SER A 68 -6.60 14.31 11.05
CA SER A 68 -5.82 15.33 10.36
C SER A 68 -4.54 14.74 9.79
N MET A 1 -9.15 12.55 -3.98
CA MET A 1 -9.15 11.09 -3.68
C MET A 1 -7.80 10.69 -3.07
N GLN A 2 -6.73 10.90 -3.85
CA GLN A 2 -5.38 10.57 -3.37
C GLN A 2 -5.29 9.12 -2.90
N LYS A 3 -5.66 8.19 -3.80
CA LYS A 3 -5.65 6.76 -3.49
C LYS A 3 -4.24 6.29 -3.12
N LYS A 4 -3.24 6.86 -3.79
CA LYS A 4 -1.83 6.49 -3.54
C LYS A 4 -1.45 6.78 -2.10
N GLU A 5 -1.97 7.87 -1.54
CA GLU A 5 -1.65 8.27 -0.16
C GLU A 5 -2.05 7.17 0.83
N ILE A 6 -3.21 6.56 0.61
CA ILE A 6 -3.67 5.48 1.49
C ILE A 6 -2.80 4.23 1.31
N ARG A 7 -2.47 3.93 0.05
CA ARG A 7 -1.67 2.75 -0.26
C ARG A 7 -0.28 2.82 0.37
N ARG A 8 0.34 4.01 0.34
CA ARG A 8 1.69 4.16 0.88
C ARG A 8 1.73 3.99 2.40
N LEU A 9 0.79 4.62 3.07
CA LEU A 9 0.72 4.55 4.53
C LEU A 9 0.45 3.12 4.97
N ARG A 10 -0.47 2.47 4.27
CA ARG A 10 -0.82 1.11 4.59
C ARG A 10 0.36 0.17 4.34
N LEU A 11 1.08 0.41 3.24
CA LEU A 11 2.22 -0.41 2.84
C LEU A 11 3.37 -0.35 3.85
N LYS A 12 3.77 0.87 4.24
CA LYS A 12 4.90 1.04 5.18
C LYS A 12 4.63 0.37 6.53
N GLU A 13 3.36 0.29 6.93
CA GLU A 13 3.01 -0.34 8.21
C GLU A 13 3.39 -1.82 8.21
N TRP A 14 3.13 -2.49 7.08
CA TRP A 14 3.44 -3.91 6.95
C TRP A 14 4.94 -4.15 7.01
N PHE A 15 5.70 -3.29 6.33
CA PHE A 15 7.15 -3.44 6.30
C PHE A 15 7.85 -2.57 7.34
N LYS A 16 7.09 -1.96 8.26
CA LYS A 16 7.68 -1.13 9.31
C LYS A 16 8.63 -1.98 10.14
N ASP A 17 8.15 -3.17 10.53
CA ASP A 17 8.95 -4.12 11.30
C ASP A 17 9.35 -5.35 10.45
N LYS A 18 9.05 -5.30 9.15
CA LYS A 18 9.36 -6.42 8.25
C LYS A 18 10.11 -5.92 7.02
N THR A 19 10.79 -6.86 6.35
CA THR A 19 11.54 -6.53 5.13
C THR A 19 10.76 -6.92 3.88
N LEU A 20 11.14 -6.33 2.75
CA LEU A 20 10.46 -6.60 1.47
C LEU A 20 11.41 -7.31 0.49
N PRO A 21 10.91 -8.21 -0.37
CA PRO A 21 11.77 -8.93 -1.36
C PRO A 21 12.45 -7.95 -2.33
N PRO A 22 13.68 -8.21 -2.79
CA PRO A 22 14.40 -7.29 -3.72
C PRO A 22 13.70 -7.15 -5.08
N LYS A 23 12.86 -8.13 -5.41
CA LYS A 23 12.15 -8.11 -6.69
C LYS A 23 11.23 -6.90 -6.80
N GLU A 24 10.40 -6.68 -5.78
CA GLU A 24 9.49 -5.54 -5.78
C GLU A 24 10.01 -4.40 -4.94
N LYS A 25 11.12 -4.63 -4.23
CA LYS A 25 11.70 -3.60 -3.36
C LYS A 25 11.90 -2.27 -4.11
N SER A 26 12.43 -2.34 -5.33
CA SER A 26 12.65 -1.13 -6.11
C SER A 26 11.34 -0.38 -6.34
N TYR A 27 10.22 -1.13 -6.38
CA TYR A 27 8.89 -0.56 -6.60
C TYR A 27 8.18 -0.20 -5.27
N LEU A 28 8.30 -1.07 -4.27
CA LEU A 28 7.65 -0.87 -2.97
C LEU A 28 8.13 0.41 -2.32
N SER A 29 9.44 0.64 -2.40
CA SER A 29 10.04 1.83 -1.81
C SER A 29 9.45 3.09 -2.42
N GLN A 30 9.08 3.01 -3.71
CA GLN A 30 8.50 4.17 -4.41
C GLN A 30 7.13 4.51 -3.84
N LEU A 31 6.35 3.47 -3.51
CA LEU A 31 5.00 3.67 -2.98
C LEU A 31 5.07 4.45 -1.68
N MET A 32 5.98 4.07 -0.79
CA MET A 32 6.13 4.75 0.49
C MET A 32 6.52 6.21 0.25
N SER A 33 7.36 6.43 -0.76
CA SER A 33 7.80 7.79 -1.12
C SER A 33 6.62 8.66 -1.55
N GLY A 34 5.57 8.02 -2.07
CA GLY A 34 4.38 8.74 -2.53
C GLY A 34 4.32 8.83 -4.06
N ARG A 35 5.46 8.59 -4.72
CA ARG A 35 5.52 8.62 -6.18
C ARG A 35 5.48 7.20 -6.73
N ALA A 36 4.36 6.85 -7.35
CA ALA A 36 4.17 5.51 -7.91
C ALA A 36 2.91 5.45 -8.77
N SER A 37 2.80 4.42 -9.60
CA SER A 37 1.63 4.25 -10.46
C SER A 37 0.63 3.28 -9.85
N PHE A 38 -0.62 3.74 -9.73
CA PHE A 38 -1.69 2.91 -9.17
C PHE A 38 -3.03 3.26 -9.86
N GLY A 39 -3.88 2.24 -9.95
CA GLY A 39 -5.20 2.38 -10.57
C GLY A 39 -5.74 1.01 -11.01
N GLU A 40 -4.84 0.03 -11.18
CA GLU A 40 -5.22 -1.32 -11.58
C GLU A 40 -5.26 -2.27 -10.38
N LYS A 41 -5.50 -3.54 -10.66
CA LYS A 41 -5.56 -4.60 -9.65
C LYS A 41 -4.31 -4.61 -8.74
N ALA A 42 -3.24 -3.95 -9.19
CA ALA A 42 -1.96 -3.93 -8.45
C ALA A 42 -2.13 -3.85 -6.92
N ALA A 43 -3.10 -3.08 -6.45
CA ALA A 43 -3.33 -2.95 -5.01
C ALA A 43 -3.67 -4.31 -4.39
N ARG A 44 -4.51 -5.07 -5.09
CA ARG A 44 -4.93 -6.40 -4.62
C ARG A 44 -3.94 -7.48 -5.05
N ARG A 45 -3.17 -7.24 -6.13
CA ARG A 45 -2.21 -8.21 -6.62
C ARG A 45 -1.14 -8.48 -5.54
N ILE A 46 -0.82 -7.44 -4.77
CA ILE A 46 0.17 -7.54 -3.71
C ILE A 46 -0.40 -8.38 -2.55
N GLU A 47 -1.65 -8.10 -2.23
CA GLU A 47 -2.35 -8.78 -1.14
C GLU A 47 -2.52 -10.27 -1.40
N GLN A 48 -2.75 -10.64 -2.67
CA GLN A 48 -2.96 -12.05 -3.02
C GLN A 48 -1.67 -12.84 -2.92
N THR A 49 -0.59 -12.29 -3.44
CA THR A 49 0.71 -12.96 -3.40
C THR A 49 1.25 -13.03 -1.97
N TYR A 50 1.25 -11.88 -1.28
CA TYR A 50 1.73 -11.83 0.10
C TYR A 50 0.77 -12.53 1.07
N GLY A 51 -0.53 -12.51 0.74
CA GLY A 51 -1.54 -13.16 1.58
C GLY A 51 -2.38 -12.19 2.41
N MET A 52 -2.17 -10.87 2.22
CA MET A 52 -2.93 -9.87 2.96
C MET A 52 -4.40 -9.86 2.46
N PRO A 53 -5.34 -9.38 3.27
CA PRO A 53 -6.79 -9.34 2.88
C PRO A 53 -7.05 -8.38 1.72
N GLU A 54 -8.10 -8.69 0.95
CA GLU A 54 -8.48 -7.89 -0.21
C GLU A 54 -8.76 -6.44 0.19
N GLY A 55 -8.13 -5.51 -0.53
CA GLY A 55 -8.31 -4.08 -0.27
C GLY A 55 -7.70 -3.66 1.06
N TYR A 56 -6.68 -4.38 1.53
CA TYR A 56 -6.02 -4.03 2.79
C TYR A 56 -5.39 -2.65 2.64
N LEU A 57 -4.65 -2.49 1.55
CA LEU A 57 -3.99 -1.22 1.23
C LEU A 57 -5.03 -0.16 0.90
N ASP A 58 -6.08 -0.59 0.19
CA ASP A 58 -7.16 0.32 -0.20
C ASP A 58 -7.84 0.91 1.03
N ALA A 59 -7.96 0.08 2.08
CA ALA A 59 -8.61 0.51 3.34
C ALA A 59 -8.14 1.91 3.75
N GLU A 60 -9.13 2.78 4.00
CA GLU A 60 -8.88 4.15 4.40
C GLU A 60 -8.82 4.25 5.92
N TYR A 61 -8.40 5.41 6.38
CA TYR A 61 -8.26 5.68 7.81
C TYR A 61 -9.04 6.94 8.20
N ALA A 62 -8.97 7.96 7.34
CA ALA A 62 -9.68 9.22 7.59
C ALA A 62 -11.19 9.02 7.57
N GLU A 63 -11.66 8.17 6.65
CA GLU A 63 -13.10 7.89 6.50
C GLU A 63 -13.59 6.77 7.41
N GLN A 64 -12.69 6.21 8.21
CA GLN A 64 -13.05 5.12 9.12
C GLN A 64 -14.13 5.55 10.12
N PRO A 65 -14.99 4.65 10.58
CA PRO A 65 -16.02 4.99 11.59
C PRO A 65 -15.38 5.60 12.82
N GLY A 66 -15.90 6.74 13.22
CA GLY A 66 -15.41 7.47 14.38
C GLY A 66 -14.40 8.56 14.00
N SER A 67 -14.03 8.63 12.71
CA SER A 67 -13.08 9.63 12.23
C SER A 67 -13.74 10.53 11.18
N SER A 68 -13.36 11.81 11.19
CA SER A 68 -13.90 12.78 10.23
C SER A 68 -12.80 13.34 9.34
#